data_2VNU
#
_entry.id   2VNU
#
_cell.length_a   72.350
_cell.length_b   87.250
_cell.length_c   136.270
_cell.angle_alpha   90.00
_cell.angle_beta   90.00
_cell.angle_gamma   90.00
#
_symmetry.space_group_name_H-M   'P 21 21 21'
#
loop_
_entity.id
_entity.type
_entity.pdbx_description
1 polymer "5'-R(*AP*AP*AP*AP*AP*AP*AP*AP*AP*AP)-3'"
2 polymer 'EXOSOME COMPLEX EXONUCLEASE RRP44'
3 non-polymer 'MAGNESIUM ION'
4 non-polymer 'SODIUM ION'
5 non-polymer 'PENTAETHYLENE GLYCOL'
6 water water
#
loop_
_entity_poly.entity_id
_entity_poly.type
_entity_poly.pdbx_seq_one_letter_code
_entity_poly.pdbx_strand_id
1 'polyribonucleotide' AAAAAAAAAA B
2 'polypeptide(L)'
;DKDLERDTFSDFTFPEYYSTARV(MSE)GGLKNGVLYQGNIQISEYNFLEGSVSLPRFSKPVLIVGQKNLNRAFNGDQVI
VELLPQSEWKAPSSIVLDSEHFDVNDNPDIEAGDDDDNNESSSNTTVISDKQRRLLAKDA(MSE)IAQRSKKIQPTAKVV
YIQRRSWRQYVGQLAPSSVDPQSSSTQNVFVIL(MSE)DKCLPKVRIRTRRAAELLDKRIVISIDSWPTTHKYPLGHFVR
DLGTIESAQAETEALLLEHDVEYRPFSKKVLECLPAEGHDWKAPTKLDDPEAVSKDPLLTKRKDLRDKLICSIDPPGCVD
INDALHAKKLPNGNWEVGVHIADVTHFVKPGTALDAEGAARGTSVYLVDKRID(MSE)LP(MSE)LLGTDLCSLKPYVDR
FAFSVIWELDDSANIVNVNF(MSE)KSVIRSREAFSYEQAQLRIDDKTQNDELT(MSE)G(MSE)RALLKLSVKLKQKRL
EAGALNLASPEVKVH(MSE)DSETSDPNEVEIKKLLATNSLVEEF(MSE)LLANISVARKIYDAFPQTA(MSE)LRRHAA
PPSTNFEILNE(MSE)LNTRKN(MSE)SISLESSKALADSLDRCVDPEDPYFNTLVRI(MSE)STRC(MSE)(MSE)AAQ
YFYSGAYSYPDFRHYGLAVDIYTHFTSPIRRYCDVVAHRQLAGAIGYEPLSLTHRDKNK(MSE)D(MSE)ICRNINRKHR
NAQFAGRASIEYYVGQV(MSE)RNNESTETGYVIKVFNNGIVVLVPKFGVEGLIRLDNLTEDPNSAAFDEVEYKLTFVPT
NSDKPRDVYVFDKVEVQVRSV(MSE)DPITSKRKAELLLK
;
D
#
loop_
_chem_comp.id
_chem_comp.type
_chem_comp.name
_chem_comp.formula
1PE non-polymer 'PENTAETHYLENE GLYCOL' 'C10 H22 O6'
A RNA linking ADENOSINE-5'-MONOPHOSPHATE 'C10 H14 N5 O7 P'
MG non-polymer 'MAGNESIUM ION' 'Mg 2'
NA non-polymer 'SODIUM ION' 'Na 1'
#
# COMPACT_ATOMS: atom_id res chain seq x y z
N ASP B 11 8.12 41.41 -1.55
CA ASP B 11 8.67 40.85 -2.81
C ASP B 11 10.02 40.17 -2.60
N PHE B 12 10.15 38.94 -3.09
CA PHE B 12 11.46 38.28 -3.12
C PHE B 12 11.77 37.58 -4.44
N THR B 13 12.94 36.93 -4.47
CA THR B 13 13.40 36.17 -5.61
C THR B 13 14.11 34.95 -5.04
N PHE B 14 13.61 33.77 -5.42
CA PHE B 14 14.29 32.50 -5.15
C PHE B 14 15.68 32.56 -5.76
N PRO B 15 16.63 31.79 -5.22
CA PRO B 15 17.96 31.77 -5.83
C PRO B 15 17.93 31.06 -7.18
N GLU B 16 18.60 31.64 -8.16
CA GLU B 16 18.81 30.99 -9.46
C GLU B 16 19.45 29.62 -9.30
N TYR B 17 18.93 28.65 -10.03
CA TYR B 17 19.54 27.33 -10.06
C TYR B 17 20.95 27.42 -10.60
N TYR B 18 21.86 26.65 -10.00
CA TYR B 18 23.22 26.51 -10.47
C TYR B 18 23.19 26.06 -11.91
N SER B 19 24.16 26.53 -12.69
CA SER B 19 24.27 26.10 -14.06
C SER B 19 24.45 24.59 -14.08
N THR B 20 24.03 23.96 -15.17
CA THR B 20 24.19 22.53 -15.36
C THR B 20 25.63 22.07 -15.20
N ALA B 21 26.58 22.88 -15.68
CA ALA B 21 28.02 22.62 -15.52
C ALA B 21 28.53 22.69 -14.07
N ARG B 22 27.99 23.62 -13.28
CA ARG B 22 28.31 23.72 -11.86
C ARG B 22 27.83 22.46 -11.12
N VAL B 23 26.64 21.98 -11.48
CA VAL B 23 26.03 20.78 -10.90
C VAL B 23 26.88 19.52 -11.09
N MSE B 24 27.37 19.29 -12.30
CA MSE B 24 28.14 18.08 -12.60
C MSE B 24 29.55 18.17 -12.02
O MSE B 24 30.12 17.16 -11.63
CB MSE B 24 28.13 17.75 -14.10
CG MSE B 24 28.02 18.94 -15.04
SE MSE B 24 27.33 18.59 -16.88
CE MSE B 24 25.64 17.72 -16.38
N GLY B 25 30.08 19.39 -11.94
CA GLY B 25 31.34 19.67 -11.27
C GLY B 25 31.28 19.48 -9.77
N GLY B 26 30.18 19.89 -9.16
CA GLY B 26 29.96 19.73 -7.72
C GLY B 26 29.69 18.28 -7.37
N LEU B 27 28.83 17.63 -8.15
CA LEU B 27 28.54 16.21 -7.97
C LEU B 27 29.81 15.36 -7.94
N LYS B 28 30.72 15.60 -8.90
CA LYS B 28 32.00 14.90 -9.00
C LYS B 28 32.99 15.25 -7.89
N ASN B 29 32.95 16.49 -7.42
CA ASN B 29 33.86 16.92 -6.35
C ASN B 29 33.35 16.58 -4.95
N GLY B 30 32.14 16.00 -4.87
CA GLY B 30 31.52 15.62 -3.60
C GLY B 30 30.97 16.78 -2.79
N VAL B 31 30.70 17.88 -3.47
CA VAL B 31 30.23 19.13 -2.86
C VAL B 31 28.70 19.20 -2.96
N LEU B 32 28.18 18.62 -4.04
CA LEU B 32 26.75 18.55 -4.28
C LEU B 32 26.28 17.09 -4.18
N TYR B 33 25.01 16.92 -3.86
CA TYR B 33 24.43 15.62 -3.68
C TYR B 33 23.12 15.61 -4.41
N GLN B 34 22.69 14.41 -4.78
CA GLN B 34 21.53 14.24 -5.61
C GLN B 34 20.58 13.28 -4.89
N GLY B 35 19.30 13.61 -4.89
CA GLY B 35 18.30 12.79 -4.24
C GLY B 35 16.89 13.19 -4.61
N ASN B 36 15.95 12.35 -4.24
CA ASN B 36 14.55 12.68 -4.39
C ASN B 36 14.06 13.36 -3.13
N ILE B 37 13.39 14.50 -3.30
CA ILE B 37 12.89 15.28 -2.19
C ILE B 37 11.57 14.69 -1.67
N GLN B 38 11.48 14.56 -0.36
CA GLN B 38 10.25 14.12 0.31
C GLN B 38 9.84 15.30 1.14
N ILE B 39 8.77 15.99 0.74
CA ILE B 39 8.33 17.06 1.60
C ILE B 39 7.51 16.43 2.72
N SER B 40 7.55 17.03 3.91
CA SER B 40 6.95 16.40 5.11
C SER B 40 5.44 16.27 4.98
N GLU B 41 4.87 15.28 5.67
CA GLU B 41 3.43 15.03 5.53
C GLU B 41 2.57 16.08 6.25
N TYR B 42 3.18 16.89 7.10
CA TYR B 42 2.45 17.92 7.82
C TYR B 42 2.89 19.36 7.57
N ASN B 43 4.10 19.56 7.04
CA ASN B 43 4.57 20.91 6.67
C ASN B 43 5.11 20.95 5.25
N PHE B 44 4.41 21.67 4.38
CA PHE B 44 4.74 21.68 2.96
C PHE B 44 5.93 22.57 2.58
N LEU B 45 6.32 23.47 3.49
CA LEU B 45 7.50 24.31 3.33
C LEU B 45 8.70 23.71 4.07
N GLU B 46 8.71 22.40 4.20
CA GLU B 46 9.81 21.71 4.86
C GLU B 46 9.97 20.36 4.20
N GLY B 47 11.23 19.98 3.98
CA GLY B 47 11.51 18.82 3.16
C GLY B 47 12.71 18.05 3.64
N SER B 48 12.90 16.90 3.01
CA SER B 48 13.89 15.96 3.43
C SER B 48 14.50 15.28 2.21
N VAL B 49 15.80 15.00 2.28
CA VAL B 49 16.44 14.16 1.27
C VAL B 49 17.20 13.05 1.99
N SER B 50 16.96 11.82 1.59
CA SER B 50 17.63 10.69 2.18
C SER B 50 18.78 10.29 1.28
N LEU B 51 19.99 10.37 1.82
CA LEU B 51 21.21 10.02 1.10
C LEU B 51 22.08 9.17 2.01
N PRO B 52 22.24 7.86 1.71
CA PRO B 52 23.10 6.87 2.41
C PRO B 52 24.29 7.36 3.28
N ARG B 53 25.06 8.36 2.82
CA ARG B 53 25.89 9.18 3.72
C ARG B 53 24.97 9.78 4.81
N PHE B 54 25.52 10.36 5.89
CA PHE B 54 24.68 10.86 7.01
C PHE B 54 23.73 9.78 7.57
N SER B 55 23.71 9.62 8.90
CA SER B 55 22.80 8.64 9.52
C SER B 55 21.32 9.04 9.40
N LYS B 56 21.09 10.33 9.17
CA LYS B 56 19.75 10.87 9.07
C LYS B 56 19.52 11.52 7.70
N PRO B 57 18.26 11.49 7.22
CA PRO B 57 17.91 12.29 6.06
C PRO B 57 18.21 13.77 6.29
N VAL B 58 18.50 14.51 5.23
CA VAL B 58 18.89 15.92 5.37
C VAL B 58 17.70 16.87 5.16
N LEU B 59 17.50 17.74 6.14
CA LEU B 59 16.41 18.70 6.18
C LEU B 59 16.62 19.85 5.22
N ILE B 60 15.55 20.17 4.51
CA ILE B 60 15.49 21.34 3.66
C ILE B 60 14.31 22.14 4.20
N VAL B 61 14.61 23.30 4.78
CA VAL B 61 13.63 24.09 5.53
C VAL B 61 13.39 25.45 4.86
N GLY B 62 12.13 25.77 4.57
CA GLY B 62 11.74 27.10 4.05
C GLY B 62 11.64 27.17 2.54
N GLN B 63 10.91 28.17 2.04
CA GLN B 63 10.76 28.44 0.60
C GLN B 63 12.07 28.52 -0.20
N LYS B 64 12.95 29.48 0.13
CA LYS B 64 14.23 29.64 -0.55
C LYS B 64 15.01 28.35 -0.72
N ASN B 65 15.13 27.56 0.35
CA ASN B 65 15.99 26.39 0.36
C ASN B 65 15.39 25.24 -0.42
N LEU B 66 14.06 25.15 -0.39
CA LEU B 66 13.30 24.19 -1.19
C LEU B 66 13.33 24.58 -2.67
N ASN B 67 13.60 25.87 -2.92
CA ASN B 67 13.81 26.45 -4.26
C ASN B 67 12.86 25.89 -5.32
N ARG B 68 11.56 26.05 -5.07
CA ARG B 68 10.51 25.72 -6.03
C ARG B 68 10.43 24.23 -6.39
N ALA B 69 11.02 23.38 -5.54
CA ALA B 69 10.96 21.93 -5.71
C ALA B 69 9.57 21.43 -5.33
N PHE B 70 9.08 20.47 -6.10
CA PHE B 70 7.82 19.76 -5.88
C PHE B 70 8.13 18.39 -5.27
N ASN B 71 7.28 17.91 -4.36
CA ASN B 71 7.45 16.56 -3.81
C ASN B 71 7.72 15.50 -4.89
N GLY B 72 8.71 14.66 -4.67
CA GLY B 72 9.08 13.64 -5.64
C GLY B 72 10.09 14.06 -6.69
N ASP B 73 10.46 15.34 -6.73
CA ASP B 73 11.45 15.83 -7.70
C ASP B 73 12.82 15.19 -7.46
N GLN B 74 13.53 14.87 -8.53
CA GLN B 74 14.93 14.54 -8.38
C GLN B 74 15.69 15.86 -8.32
N VAL B 75 16.29 16.13 -7.16
CA VAL B 75 16.95 17.42 -6.91
C VAL B 75 18.43 17.26 -6.61
N ILE B 76 19.13 18.37 -6.70
CA ILE B 76 20.53 18.49 -6.29
C ILE B 76 20.60 19.41 -5.09
N VAL B 77 21.23 18.92 -4.03
CA VAL B 77 21.35 19.70 -2.81
C VAL B 77 22.79 20.02 -2.46
N GLU B 78 22.94 21.12 -1.74
CA GLU B 78 24.21 21.54 -1.14
C GLU B 78 24.01 21.65 0.36
N LEU B 79 24.93 21.05 1.13
CA LEU B 79 24.89 21.15 2.58
C LEU B 79 25.19 22.57 3.05
N LEU B 80 24.47 23.00 4.07
CA LEU B 80 24.63 24.34 4.62
C LEU B 80 25.60 24.30 5.78
N PRO B 81 26.21 25.39 6.19
CA PRO B 81 27.09 25.39 7.36
C PRO B 81 26.35 25.07 8.64
N GLN B 82 27.03 24.55 9.46
CA GLN B 82 26.50 24.04 10.73
C GLN B 82 25.75 25.11 11.53
N SER B 83 26.03 26.37 11.24
CA SER B 83 25.36 27.52 11.88
C SER B 83 23.91 27.63 11.42
N GLU B 84 23.62 27.04 10.27
CA GLU B 84 22.31 27.13 9.66
C GLU B 84 21.50 25.81 9.82
N TRP B 85 22.11 24.85 10.52
CA TRP B 85 21.51 23.55 10.83
C TRP B 85 20.29 23.71 11.74
N LYS B 86 19.23 22.97 11.44
CA LYS B 86 17.91 23.18 12.03
C LYS B 86 17.23 21.88 12.42
N ALA B 87 16.32 21.96 13.39
CA ALA B 87 15.48 20.84 13.78
C ALA B 87 14.14 20.98 13.05
N PRO B 88 13.37 19.87 12.92
CA PRO B 88 12.13 19.89 12.13
C PRO B 88 11.06 20.77 12.79
N SER B 89 10.23 21.41 11.95
CA SER B 89 9.22 22.35 12.39
C SER B 89 8.22 21.73 13.38
N SER B 90 7.75 22.56 14.31
CA SER B 90 6.76 22.16 15.33
C SER B 90 5.34 22.59 14.92
N ILE B 91 5.14 22.72 13.61
CA ILE B 91 3.98 23.40 13.05
C ILE B 91 3.41 22.62 11.88
N VAL B 92 2.08 22.63 11.75
CA VAL B 92 1.35 22.09 10.61
C VAL B 92 1.21 23.20 9.58
N LEU B 93 1.40 22.87 8.31
CA LEU B 93 1.29 23.85 7.23
C LEU B 93 0.97 23.23 5.86
N ASP B 94 -0.18 23.57 5.28
CA ASP B 94 -0.38 23.31 3.85
C ASP B 94 -0.57 24.63 3.04
N SER B 95 -0.63 24.53 1.72
CA SER B 95 -0.76 25.72 0.85
C SER B 95 -2.02 26.54 1.13
N GLU B 96 -3.08 25.85 1.56
CA GLU B 96 -4.38 26.43 1.86
C GLU B 96 -4.34 27.38 3.08
N HIS B 97 -3.42 27.14 4.01
CA HIS B 97 -3.38 27.85 5.28
C HIS B 97 -2.17 28.76 5.46
N PHE B 98 -1.27 28.73 4.48
CA PHE B 98 -0.07 29.59 4.44
C PHE B 98 -0.38 30.93 3.76
N ASP B 99 -0.05 32.03 4.44
CA ASP B 99 -0.50 33.40 4.05
C ASP B 99 -2.02 33.47 3.83
N ILE B 145 18.47 19.95 16.51
CA ILE B 145 19.19 20.30 15.28
C ILE B 145 19.63 19.07 14.50
N GLN B 146 19.65 19.22 13.17
CA GLN B 146 20.00 18.18 12.22
C GLN B 146 20.78 18.76 11.05
N PRO B 147 21.57 17.93 10.33
CA PRO B 147 22.15 18.35 9.06
C PRO B 147 21.12 18.93 8.09
N THR B 148 21.51 19.99 7.40
CA THR B 148 20.56 20.79 6.66
C THR B 148 21.13 21.16 5.29
N ALA B 149 20.30 21.04 4.25
CA ALA B 149 20.74 21.30 2.88
C ALA B 149 19.84 22.33 2.18
N LYS B 150 20.33 22.88 1.07
CA LYS B 150 19.54 23.72 0.17
C LYS B 150 19.49 23.16 -1.26
N VAL B 151 18.35 23.33 -1.92
CA VAL B 151 18.17 22.89 -3.30
C VAL B 151 18.81 23.88 -4.27
N VAL B 152 19.69 23.37 -5.13
CA VAL B 152 20.40 24.18 -6.11
C VAL B 152 20.02 23.92 -7.58
N TYR B 153 19.17 22.93 -7.84
CA TYR B 153 18.88 22.48 -9.20
C TYR B 153 17.76 21.46 -9.15
N ILE B 154 17.01 21.34 -10.24
CA ILE B 154 16.00 20.28 -10.39
C ILE B 154 16.43 19.36 -11.54
N GLN B 155 16.83 18.12 -11.23
CA GLN B 155 17.28 17.19 -12.28
C GLN B 155 16.14 16.59 -13.10
N ARG B 156 15.16 16.00 -12.42
CA ARG B 156 14.01 15.41 -13.11
C ARG B 156 12.75 15.83 -12.37
N ARG B 157 11.78 16.39 -13.10
CA ARG B 157 10.62 16.91 -12.43
C ARG B 157 9.40 16.02 -12.49
N SER B 158 8.58 16.20 -11.45
CA SER B 158 7.46 15.34 -11.18
C SER B 158 6.16 16.07 -11.49
N TRP B 159 6.24 17.05 -12.40
CA TRP B 159 5.05 17.70 -12.95
C TRP B 159 4.33 16.75 -13.89
N ARG B 160 3.17 16.31 -13.43
CA ARG B 160 2.21 15.54 -14.22
C ARG B 160 1.04 16.48 -14.33
N GLN B 161 -0.13 15.97 -14.71
CA GLN B 161 -1.36 16.73 -14.53
C GLN B 161 -1.85 16.55 -13.09
N TYR B 162 -2.23 17.67 -12.46
CA TYR B 162 -2.60 17.68 -11.05
C TYR B 162 -4.06 18.03 -10.84
N VAL B 163 -4.69 17.35 -9.89
CA VAL B 163 -6.08 17.63 -9.52
C VAL B 163 -6.14 18.66 -8.39
N GLY B 164 -7.05 19.63 -8.52
CA GLY B 164 -7.25 20.61 -7.47
C GLY B 164 -8.61 21.26 -7.47
N GLN B 165 -8.75 22.27 -6.60
CA GLN B 165 -9.95 23.08 -6.52
C GLN B 165 -9.58 24.55 -6.35
N LEU B 166 -10.30 25.44 -7.05
CA LEU B 166 -10.11 26.89 -6.89
C LEU B 166 -10.16 27.34 -5.44
N ALA B 167 -9.26 28.24 -5.06
CA ALA B 167 -9.37 28.92 -3.77
C ALA B 167 -10.49 29.97 -3.87
N PRO B 168 -11.58 29.80 -3.07
CA PRO B 168 -12.73 30.71 -3.14
C PRO B 168 -12.41 32.20 -2.92
N SER B 169 -11.41 32.51 -2.09
CA SER B 169 -11.02 33.90 -1.83
C SER B 169 -10.20 34.56 -2.95
N SER B 170 -9.78 33.78 -3.94
CA SER B 170 -9.03 34.31 -5.06
C SER B 170 -9.95 34.53 -6.26
N VAL B 171 -11.21 34.16 -6.10
CA VAL B 171 -12.19 34.24 -7.18
C VAL B 171 -13.21 35.33 -6.89
N ASP B 172 -13.49 36.16 -7.90
CA ASP B 172 -14.62 37.07 -7.87
C ASP B 172 -15.80 36.39 -8.55
N PRO B 173 -16.80 35.95 -7.76
CA PRO B 173 -17.94 35.14 -8.21
C PRO B 173 -18.93 35.86 -9.13
N GLN B 174 -18.82 37.18 -9.23
CA GLN B 174 -19.73 38.01 -10.04
C GLN B 174 -19.06 38.58 -11.29
N SER B 175 -17.74 38.38 -11.43
CA SER B 175 -16.97 38.92 -12.56
C SER B 175 -17.03 38.00 -13.77
N SER B 176 -17.27 38.60 -14.94
CA SER B 176 -17.30 37.84 -16.20
C SER B 176 -15.91 37.67 -16.82
N SER B 177 -15.13 38.75 -16.80
CA SER B 177 -13.80 38.79 -17.42
C SER B 177 -12.77 37.82 -16.81
N THR B 178 -11.59 37.76 -17.41
CA THR B 178 -10.55 36.81 -17.02
C THR B 178 -9.84 37.22 -15.73
N GLN B 179 -9.69 36.26 -14.84
CA GLN B 179 -9.20 36.50 -13.49
C GLN B 179 -7.93 35.70 -13.21
N ASN B 180 -7.08 36.26 -12.35
CA ASN B 180 -6.01 35.49 -11.74
C ASN B 180 -6.55 34.84 -10.46
N VAL B 181 -6.63 33.52 -10.50
CA VAL B 181 -7.16 32.74 -9.38
C VAL B 181 -6.09 31.75 -8.90
N PHE B 182 -6.26 31.23 -7.69
CA PHE B 182 -5.35 30.21 -7.17
C PHE B 182 -5.99 28.85 -7.16
N VAL B 183 -5.16 27.83 -7.40
CA VAL B 183 -5.62 26.44 -7.36
C VAL B 183 -4.98 25.71 -6.17
N ILE B 184 -5.82 25.14 -5.32
CA ILE B 184 -5.35 24.34 -4.19
C ILE B 184 -5.35 22.90 -4.65
N LEU B 185 -4.17 22.31 -4.68
CA LEU B 185 -3.99 20.94 -5.16
C LEU B 185 -4.44 19.94 -4.10
N MSE B 186 -5.03 18.84 -4.60
CA MSE B 186 -5.45 17.71 -3.79
C MSE B 186 -4.27 17.14 -2.99
O MSE B 186 -4.43 16.79 -1.82
CB MSE B 186 -6.08 16.65 -4.70
CG MSE B 186 -6.58 15.42 -3.99
SE MSE B 186 -7.74 14.36 -5.16
CE MSE B 186 -9.45 15.21 -4.79
N ASP B 187 -3.10 17.05 -3.61
CA ASP B 187 -1.89 16.68 -2.89
C ASP B 187 -1.47 17.80 -1.92
N LYS B 188 -1.63 17.53 -0.62
CA LYS B 188 -1.35 18.52 0.43
C LYS B 188 0.14 18.84 0.64
N CYS B 189 1.00 18.15 -0.11
CA CYS B 189 2.45 18.37 -0.13
C CYS B 189 2.88 19.50 -1.06
N LEU B 190 1.99 19.87 -1.98
CA LEU B 190 2.30 20.81 -3.03
C LEU B 190 1.84 22.22 -2.73
N PRO B 191 2.45 23.24 -3.37
CA PRO B 191 1.98 24.63 -3.33
C PRO B 191 0.68 24.90 -4.09
N LYS B 192 0.08 26.08 -3.82
CA LYS B 192 -1.03 26.57 -4.64
C LYS B 192 -0.47 27.13 -5.96
N VAL B 193 -1.28 27.09 -7.01
CA VAL B 193 -0.85 27.35 -8.39
C VAL B 193 -1.76 28.43 -8.94
N ARG B 194 -1.17 29.50 -9.48
CA ARG B 194 -1.93 30.55 -10.13
C ARG B 194 -2.29 30.16 -11.56
N ILE B 195 -3.59 30.16 -11.85
CA ILE B 195 -4.05 30.03 -13.21
C ILE B 195 -4.78 31.30 -13.62
N ARG B 196 -4.85 31.52 -14.93
CA ARG B 196 -5.57 32.63 -15.51
C ARG B 196 -6.70 32.06 -16.36
N THR B 197 -7.94 32.41 -16.00
CA THR B 197 -9.11 31.81 -16.65
C THR B 197 -10.33 32.75 -16.67
N ARG B 198 -11.11 32.67 -17.74
CA ARG B 198 -12.34 33.45 -17.91
C ARG B 198 -13.56 32.73 -17.31
N ARG B 199 -13.34 31.52 -16.83
CA ARG B 199 -14.41 30.68 -16.32
C ARG B 199 -14.39 30.57 -14.79
N ALA B 200 -13.67 31.48 -14.14
CA ALA B 200 -13.45 31.39 -12.69
C ALA B 200 -14.70 31.02 -11.88
N ALA B 201 -15.79 31.77 -12.07
CA ALA B 201 -17.02 31.56 -11.30
C ALA B 201 -17.66 30.20 -11.59
N GLU B 202 -17.59 29.77 -12.85
CA GLU B 202 -18.16 28.48 -13.27
C GLU B 202 -17.38 27.25 -12.75
N LEU B 203 -16.14 27.46 -12.30
CA LEU B 203 -15.30 26.36 -11.80
C LEU B 203 -15.19 26.36 -10.27
N LEU B 204 -16.08 27.09 -9.59
CA LEU B 204 -15.86 27.50 -8.18
C LEU B 204 -15.78 26.38 -7.14
N ASP B 205 -16.83 25.58 -7.04
CA ASP B 205 -16.80 24.38 -6.19
C ASP B 205 -16.79 23.13 -7.07
N LYS B 206 -15.76 23.02 -7.91
CA LYS B 206 -15.61 21.89 -8.81
C LYS B 206 -14.23 21.26 -8.75
N ARG B 207 -14.16 20.01 -9.18
CA ARG B 207 -12.94 19.21 -9.23
C ARG B 207 -12.28 19.41 -10.58
N ILE B 208 -11.08 19.97 -10.59
CA ILE B 208 -10.41 20.32 -11.86
C ILE B 208 -9.01 19.69 -12.06
N VAL B 209 -8.66 19.41 -13.30
CA VAL B 209 -7.29 19.02 -13.65
C VAL B 209 -6.61 20.26 -14.21
N ILE B 210 -5.42 20.55 -13.68
CA ILE B 210 -4.57 21.63 -14.16
C ILE B 210 -3.20 21.08 -14.56
N SER B 211 -2.49 21.81 -15.41
CA SER B 211 -1.11 21.46 -15.74
C SER B 211 -0.23 22.62 -15.30
N ILE B 212 0.94 22.33 -14.74
CA ILE B 212 1.84 23.42 -14.37
CA ILE B 212 1.87 23.40 -14.35
C ILE B 212 2.84 23.69 -15.50
N ASP B 213 3.00 24.99 -15.80
CA ASP B 213 3.79 25.45 -16.95
C ASP B 213 5.20 25.90 -16.56
N SER B 214 5.31 26.63 -15.45
CA SER B 214 6.58 27.16 -14.96
C SER B 214 6.46 27.66 -13.53
N TRP B 215 7.62 27.85 -12.89
CA TRP B 215 7.72 28.57 -11.63
C TRP B 215 8.98 29.43 -11.76
N PRO B 216 8.84 30.65 -12.32
CA PRO B 216 10.04 31.47 -12.45
C PRO B 216 10.57 31.96 -11.09
N THR B 217 11.86 32.21 -11.08
CA THR B 217 12.60 32.79 -9.97
C THR B 217 11.88 34.01 -9.36
N THR B 218 11.11 34.71 -10.20
CA THR B 218 10.48 35.98 -9.86
C THR B 218 9.11 35.83 -9.19
N HIS B 219 8.56 34.62 -9.21
CA HIS B 219 7.21 34.37 -8.71
C HIS B 219 7.23 33.53 -7.45
N LYS B 220 6.39 33.92 -6.48
CA LYS B 220 6.26 33.20 -5.21
C LYS B 220 5.49 31.87 -5.37
N TYR B 221 4.67 31.77 -6.42
CA TYR B 221 3.83 30.59 -6.69
C TYR B 221 4.02 30.13 -8.12
N PRO B 222 3.91 28.79 -8.35
CA PRO B 222 3.99 28.27 -9.71
C PRO B 222 2.84 28.76 -10.57
N LEU B 223 3.05 28.77 -11.88
CA LEU B 223 2.02 29.14 -12.83
C LEU B 223 1.56 27.89 -13.57
N GLY B 224 0.26 27.82 -13.85
CA GLY B 224 -0.32 26.69 -14.55
C GLY B 224 -1.46 27.10 -15.46
N HIS B 225 -2.21 26.10 -15.94
CA HIS B 225 -3.45 26.38 -16.68
C HIS B 225 -4.47 25.27 -16.46
N PHE B 226 -5.74 25.63 -16.60
CA PHE B 226 -6.88 24.73 -16.54
C PHE B 226 -6.82 23.73 -17.70
N VAL B 227 -7.00 22.45 -17.40
CA VAL B 227 -7.02 21.39 -18.43
C VAL B 227 -8.44 20.88 -18.70
N ARG B 228 -9.09 20.39 -17.64
CA ARG B 228 -10.45 19.87 -17.76
C ARG B 228 -11.20 19.82 -16.44
N ASP B 229 -12.51 19.65 -16.56
CA ASP B 229 -13.44 19.59 -15.47
C ASP B 229 -13.78 18.13 -15.19
N LEU B 230 -13.67 17.72 -13.93
CA LEU B 230 -14.08 16.37 -13.52
C LEU B 230 -15.54 16.29 -13.04
N GLY B 231 -16.02 17.39 -12.46
CA GLY B 231 -17.36 17.47 -11.91
C GLY B 231 -17.34 18.11 -10.54
N THR B 232 -18.46 18.02 -9.84
CA THR B 232 -18.66 18.69 -8.56
C THR B 232 -17.80 18.08 -7.45
N ILE B 233 -17.51 18.88 -6.42
CA ILE B 233 -16.78 18.40 -5.22
C ILE B 233 -17.61 17.43 -4.39
N GLU B 234 -18.94 17.45 -4.58
CA GLU B 234 -19.83 16.51 -3.93
C GLU B 234 -19.98 15.19 -4.70
N SER B 235 -19.73 15.23 -6.01
CA SER B 235 -20.03 14.15 -6.95
C SER B 235 -19.81 12.70 -6.47
N ALA B 236 -18.55 12.26 -6.44
CA ALA B 236 -18.16 10.84 -6.20
C ALA B 236 -17.59 10.20 -7.46
N GLN B 237 -18.30 10.32 -8.59
CA GLN B 237 -17.73 9.97 -9.89
C GLN B 237 -16.49 10.82 -10.15
N ALA B 238 -16.62 12.12 -9.91
CA ALA B 238 -15.52 13.10 -10.00
C ALA B 238 -14.43 12.88 -8.97
N GLU B 239 -14.77 12.38 -7.79
CA GLU B 239 -13.77 12.15 -6.75
C GLU B 239 -13.04 10.82 -6.93
N THR B 240 -13.65 9.91 -7.70
CA THR B 240 -13.05 8.63 -8.06
C THR B 240 -12.18 8.79 -9.31
N GLU B 241 -12.64 9.57 -10.27
CA GLU B 241 -11.82 9.94 -11.41
C GLU B 241 -10.59 10.76 -10.95
N ALA B 242 -10.82 11.65 -9.97
CA ALA B 242 -9.75 12.47 -9.41
C ALA B 242 -8.71 11.64 -8.67
N LEU B 243 -9.17 10.67 -7.89
CA LEU B 243 -8.31 9.82 -7.10
C LEU B 243 -7.38 8.97 -7.98
N LEU B 244 -7.92 8.53 -9.11
CA LEU B 244 -7.22 7.61 -10.00
C LEU B 244 -6.23 8.35 -10.89
N LEU B 245 -6.52 9.62 -11.13
CA LEU B 245 -5.60 10.49 -11.83
C LEU B 245 -4.39 10.80 -10.93
N GLU B 246 -4.65 11.32 -9.73
CA GLU B 246 -3.58 11.56 -8.75
C GLU B 246 -2.63 10.39 -8.53
N HIS B 247 -3.06 9.17 -8.83
CA HIS B 247 -2.23 7.97 -8.61
C HIS B 247 -1.92 7.19 -9.89
N ASP B 248 -1.96 7.92 -11.00
CA ASP B 248 -2.17 7.41 -12.38
C ASP B 248 -2.44 5.91 -12.58
N VAL B 249 -3.61 5.51 -12.10
CA VAL B 249 -4.17 4.19 -12.34
C VAL B 249 -4.96 4.26 -13.65
N GLU B 250 -4.60 3.42 -14.61
CA GLU B 250 -5.38 3.27 -15.84
C GLU B 250 -6.64 2.48 -15.54
N TYR B 251 -7.79 3.03 -15.91
CA TYR B 251 -9.05 2.37 -15.62
C TYR B 251 -10.01 2.30 -16.82
N ARG B 252 -9.50 2.68 -17.95
CA ARG B 252 -10.23 2.55 -19.22
C ARG B 252 -10.59 1.09 -19.51
N PRO B 253 -11.67 0.84 -20.35
CA PRO B 253 -11.98 -0.55 -20.69
C PRO B 253 -10.84 -1.21 -21.48
N PHE B 254 -10.72 -2.54 -21.35
CA PHE B 254 -9.71 -3.30 -22.08
C PHE B 254 -9.94 -3.27 -23.58
N SER B 255 -8.90 -2.96 -24.34
CA SER B 255 -9.03 -2.77 -25.80
C SER B 255 -9.51 -4.04 -26.52
N LYS B 256 -10.08 -3.84 -27.71
CA LYS B 256 -10.43 -4.99 -28.55
C LYS B 256 -9.20 -5.88 -28.78
N LYS B 257 -8.04 -5.23 -28.94
CA LYS B 257 -6.78 -5.96 -29.08
C LYS B 257 -6.46 -6.88 -27.89
N VAL B 258 -6.66 -6.39 -26.65
CA VAL B 258 -6.54 -7.23 -25.46
C VAL B 258 -7.58 -8.38 -25.46
N LEU B 259 -8.84 -8.05 -25.71
CA LEU B 259 -9.94 -9.04 -25.69
C LEU B 259 -9.75 -10.14 -26.73
N GLU B 260 -9.08 -9.81 -27.82
CA GLU B 260 -8.75 -10.74 -28.90
C GLU B 260 -7.83 -11.88 -28.47
N CYS B 261 -7.20 -11.76 -27.31
CA CYS B 261 -6.28 -12.80 -26.81
C CYS B 261 -6.98 -13.86 -25.97
N LEU B 262 -8.18 -13.53 -25.51
CA LEU B 262 -8.94 -14.37 -24.60
C LEU B 262 -9.43 -15.61 -25.33
N PRO B 263 -9.63 -16.75 -24.62
CA PRO B 263 -10.03 -18.00 -25.28
C PRO B 263 -11.29 -17.82 -26.14
N ALA B 264 -11.27 -18.39 -27.36
CA ALA B 264 -12.36 -18.24 -28.30
C ALA B 264 -13.72 -18.59 -27.69
N GLU B 265 -13.70 -19.59 -26.80
CA GLU B 265 -14.91 -20.14 -26.21
C GLU B 265 -15.60 -19.17 -25.25
N GLY B 266 -14.88 -18.14 -24.80
CA GLY B 266 -15.41 -17.18 -23.83
C GLY B 266 -15.73 -17.87 -22.53
N HIS B 267 -16.93 -17.63 -22.01
CA HIS B 267 -17.40 -18.22 -20.74
C HIS B 267 -17.78 -19.71 -20.88
N ASP B 268 -17.77 -20.21 -22.12
CA ASP B 268 -17.99 -21.64 -22.41
C ASP B 268 -16.69 -22.46 -22.42
N TRP B 269 -15.59 -21.86 -21.95
CA TRP B 269 -14.31 -22.56 -21.85
C TRP B 269 -14.47 -23.65 -20.81
N LYS B 270 -14.01 -24.84 -21.15
CA LYS B 270 -14.05 -25.95 -20.25
C LYS B 270 -12.67 -26.58 -20.18
N ALA B 271 -12.28 -27.00 -18.97
CA ALA B 271 -11.12 -27.86 -18.81
C ALA B 271 -11.45 -29.24 -19.38
N PRO B 272 -10.51 -29.85 -20.11
CA PRO B 272 -10.72 -31.18 -20.70
C PRO B 272 -10.95 -32.27 -19.65
N THR B 273 -11.85 -33.20 -19.97
CA THR B 273 -12.14 -34.33 -19.10
C THR B 273 -10.96 -35.31 -19.02
N LYS B 274 -10.43 -35.70 -20.17
CA LYS B 274 -9.25 -36.59 -20.23
C LYS B 274 -7.99 -35.83 -20.70
N LEU B 275 -7.00 -35.75 -19.82
CA LEU B 275 -5.74 -35.05 -20.10
C LEU B 275 -4.91 -35.60 -21.30
N ASP B 276 -5.22 -36.82 -21.75
CA ASP B 276 -4.55 -37.37 -22.95
C ASP B 276 -5.45 -37.45 -24.18
N ASP B 277 -6.62 -36.79 -24.08
CA ASP B 277 -7.52 -36.66 -25.21
C ASP B 277 -6.78 -36.05 -26.39
N PRO B 278 -6.70 -36.78 -27.53
CA PRO B 278 -5.92 -36.34 -28.70
C PRO B 278 -6.29 -34.95 -29.21
N GLU B 279 -7.58 -34.60 -29.14
CA GLU B 279 -8.07 -33.30 -29.57
C GLU B 279 -7.52 -32.20 -28.65
N ALA B 280 -7.80 -32.35 -27.35
CA ALA B 280 -7.31 -31.42 -26.33
C ALA B 280 -5.78 -31.26 -26.37
N VAL B 281 -5.06 -32.38 -26.54
CA VAL B 281 -3.58 -32.39 -26.64
C VAL B 281 -3.02 -31.74 -27.93
N SER B 282 -3.84 -31.64 -28.99
CA SER B 282 -3.39 -31.01 -30.23
C SER B 282 -3.35 -29.47 -30.14
N LYS B 283 -4.40 -28.89 -29.56
CA LYS B 283 -4.44 -27.45 -29.30
C LYS B 283 -3.49 -27.09 -28.15
N ASP B 284 -3.39 -27.97 -27.17
CA ASP B 284 -2.53 -27.78 -26.00
C ASP B 284 -1.61 -28.99 -25.80
N PRO B 285 -0.44 -28.98 -26.45
CA PRO B 285 0.49 -30.13 -26.30
C PRO B 285 1.05 -30.30 -24.87
N LEU B 286 1.17 -29.20 -24.12
CA LEU B 286 1.69 -29.24 -22.73
C LEU B 286 0.75 -29.87 -21.70
N LEU B 287 -0.49 -30.15 -22.09
CA LEU B 287 -1.51 -30.72 -21.20
C LEU B 287 -1.13 -32.08 -20.58
N THR B 288 -0.19 -32.78 -21.21
CA THR B 288 0.22 -34.12 -20.73
C THR B 288 1.26 -34.04 -19.62
N LYS B 289 1.68 -32.82 -19.31
CA LYS B 289 2.51 -32.53 -18.15
C LYS B 289 1.67 -32.03 -16.97
N ARG B 290 0.35 -31.95 -17.20
CA ARG B 290 -0.58 -31.45 -16.19
C ARG B 290 -1.07 -32.60 -15.32
N LYS B 291 -1.05 -32.41 -14.00
CA LYS B 291 -1.48 -33.48 -13.08
C LYS B 291 -2.96 -33.42 -12.78
N ASP B 292 -3.64 -34.55 -12.91
CA ASP B 292 -5.03 -34.65 -12.51
C ASP B 292 -5.17 -34.73 -10.98
N LEU B 293 -5.52 -33.61 -10.35
CA LEU B 293 -5.84 -33.61 -8.91
C LEU B 293 -7.33 -33.35 -8.63
N ARG B 294 -8.19 -33.76 -9.56
CA ARG B 294 -9.64 -33.60 -9.37
C ARG B 294 -10.23 -34.58 -8.35
N ASP B 295 -9.34 -35.29 -7.66
CA ASP B 295 -9.71 -36.20 -6.59
C ASP B 295 -9.51 -35.57 -5.20
N LYS B 296 -8.77 -34.45 -5.13
CA LYS B 296 -8.52 -33.78 -3.85
C LYS B 296 -9.74 -33.00 -3.37
N LEU B 297 -10.04 -33.13 -2.08
CA LEU B 297 -11.09 -32.33 -1.49
C LEU B 297 -10.60 -30.92 -1.16
N ILE B 298 -10.60 -30.08 -2.20
CA ILE B 298 -10.07 -28.72 -2.17
C ILE B 298 -11.19 -27.77 -1.82
N CYS B 299 -10.86 -26.65 -1.20
CA CYS B 299 -11.85 -25.64 -0.86
C CYS B 299 -11.16 -24.27 -0.89
N SER B 300 -11.92 -23.19 -0.94
CA SER B 300 -11.30 -21.90 -0.93
C SER B 300 -11.93 -21.10 0.20
N ILE B 301 -11.17 -20.18 0.79
CA ILE B 301 -11.66 -19.35 1.88
C ILE B 301 -11.30 -17.90 1.58
N ASP B 302 -12.31 -17.05 1.40
CA ASP B 302 -12.08 -15.67 0.94
C ASP B 302 -13.01 -14.69 1.65
N PRO B 303 -12.82 -13.37 1.44
CA PRO B 303 -13.81 -12.41 1.98
C PRO B 303 -15.22 -12.74 1.49
N PRO B 304 -16.26 -12.36 2.26
CA PRO B 304 -17.66 -12.59 1.85
C PRO B 304 -17.98 -12.08 0.44
N GLY B 305 -18.66 -12.91 -0.37
CA GLY B 305 -18.95 -12.58 -1.77
C GLY B 305 -17.72 -12.07 -2.49
N CYS B 306 -16.86 -13.00 -2.92
CA CYS B 306 -15.62 -12.72 -3.60
C CYS B 306 -15.61 -13.60 -4.84
N VAL B 307 -15.42 -12.99 -6.00
CA VAL B 307 -15.51 -13.73 -7.27
C VAL B 307 -14.13 -14.09 -7.83
N ASP B 308 -13.13 -13.31 -7.45
CA ASP B 308 -11.77 -13.46 -7.96
C ASP B 308 -10.93 -14.39 -7.05
N ILE B 309 -11.25 -15.69 -7.10
CA ILE B 309 -10.62 -16.70 -6.24
C ILE B 309 -9.26 -17.14 -6.77
N ASN B 310 -8.21 -16.71 -6.09
CA ASN B 310 -6.84 -17.01 -6.50
C ASN B 310 -6.32 -18.35 -6.00
N ASP B 311 -6.79 -18.77 -4.82
CA ASP B 311 -6.19 -19.84 -4.07
C ASP B 311 -7.19 -20.81 -3.46
N ALA B 312 -6.82 -22.08 -3.41
CA ALA B 312 -7.63 -23.10 -2.79
C ALA B 312 -6.67 -24.05 -2.09
N LEU B 313 -7.16 -24.78 -1.08
CA LEU B 313 -6.30 -25.58 -0.23
C LEU B 313 -6.84 -26.98 -0.05
N HIS B 314 -5.97 -27.95 0.19
CA HIS B 314 -6.40 -29.28 0.65
C HIS B 314 -5.44 -29.88 1.68
N ALA B 315 -5.95 -30.78 2.51
CA ALA B 315 -5.14 -31.57 3.46
C ALA B 315 -5.68 -32.99 3.55
N LYS B 316 -4.80 -33.94 3.28
CA LYS B 316 -5.13 -35.35 3.21
C LYS B 316 -4.08 -36.06 4.06
N LYS B 317 -4.53 -36.87 5.02
CA LYS B 317 -3.63 -37.66 5.84
C LYS B 317 -3.01 -38.78 4.98
N LEU B 318 -1.69 -38.91 5.06
CA LEU B 318 -0.97 -39.91 4.28
C LEU B 318 -0.95 -41.29 4.95
N PRO B 319 -0.59 -42.35 4.19
CA PRO B 319 -0.49 -43.69 4.81
C PRO B 319 0.54 -43.76 5.94
N ASN B 320 1.53 -42.86 5.91
CA ASN B 320 2.67 -42.88 6.86
C ASN B 320 2.55 -41.99 8.11
N GLY B 321 1.41 -41.34 8.27
CA GLY B 321 1.22 -40.42 9.41
C GLY B 321 1.40 -38.96 9.07
N ASN B 322 2.12 -38.68 7.98
CA ASN B 322 2.35 -37.31 7.56
C ASN B 322 1.15 -36.72 6.82
N TRP B 323 1.29 -35.44 6.45
CA TRP B 323 0.24 -34.69 5.78
C TRP B 323 0.53 -34.41 4.33
N GLU B 324 -0.44 -34.64 3.46
CA GLU B 324 -0.32 -34.06 2.14
C GLU B 324 -1.16 -32.78 2.17
N VAL B 325 -0.47 -31.65 1.91
CA VAL B 325 -1.08 -30.33 1.91
C VAL B 325 -0.85 -29.73 0.53
N GLY B 326 -1.92 -29.31 -0.13
CA GLY B 326 -1.80 -28.56 -1.37
C GLY B 326 -2.25 -27.12 -1.23
N VAL B 327 -1.46 -26.21 -1.77
CA VAL B 327 -1.92 -24.85 -2.11
C VAL B 327 -2.07 -24.75 -3.65
N HIS B 328 -3.29 -24.49 -4.11
CA HIS B 328 -3.63 -24.46 -5.53
C HIS B 328 -3.99 -23.04 -5.95
N ILE B 329 -3.30 -22.55 -6.98
CA ILE B 329 -3.41 -21.16 -7.40
CA ILE B 329 -3.36 -21.16 -7.41
C ILE B 329 -3.83 -21.05 -8.86
N ALA B 330 -4.72 -20.08 -9.12
CA ALA B 330 -5.17 -19.76 -10.44
C ALA B 330 -3.97 -19.81 -11.41
N ASP B 331 -4.14 -20.56 -12.50
CA ASP B 331 -3.10 -20.73 -13.55
C ASP B 331 -3.20 -19.61 -14.58
N VAL B 332 -2.84 -18.40 -14.19
CA VAL B 332 -3.09 -17.23 -15.03
C VAL B 332 -2.23 -17.22 -16.31
N THR B 333 -1.00 -17.76 -16.20
CA THR B 333 -0.02 -17.73 -17.28
C THR B 333 -0.28 -18.77 -18.40
N HIS B 334 -1.20 -19.70 -18.15
CA HIS B 334 -1.81 -20.52 -19.21
C HIS B 334 -2.57 -19.66 -20.23
N PHE B 335 -3.24 -18.61 -19.73
CA PHE B 335 -4.07 -17.72 -20.54
C PHE B 335 -3.36 -16.41 -20.94
N VAL B 336 -2.43 -15.98 -20.10
CA VAL B 336 -1.72 -14.71 -20.29
C VAL B 336 -0.28 -15.02 -20.76
N LYS B 337 -0.09 -14.92 -22.08
CA LYS B 337 1.16 -15.34 -22.73
C LYS B 337 2.07 -14.13 -22.96
N PRO B 338 3.40 -14.33 -22.85
CA PRO B 338 4.30 -13.17 -23.02
C PRO B 338 4.22 -12.60 -24.43
N GLY B 339 4.50 -11.31 -24.56
CA GLY B 339 4.46 -10.63 -25.84
C GLY B 339 3.09 -10.38 -26.44
N THR B 340 2.02 -10.80 -25.77
CA THR B 340 0.66 -10.53 -26.26
C THR B 340 0.22 -9.16 -25.75
N ALA B 341 -0.85 -8.61 -26.32
CA ALA B 341 -1.37 -7.32 -25.88
C ALA B 341 -1.99 -7.40 -24.48
N LEU B 342 -2.53 -8.57 -24.14
CA LEU B 342 -3.14 -8.85 -22.85
C LEU B 342 -2.09 -8.91 -21.74
N ASP B 343 -0.97 -9.58 -22.02
CA ASP B 343 0.16 -9.55 -21.10
C ASP B 343 0.68 -8.13 -20.93
N ALA B 344 0.69 -7.38 -22.03
CA ALA B 344 1.26 -6.02 -22.06
C ALA B 344 0.43 -5.02 -21.26
N GLU B 345 -0.89 -5.13 -21.32
CA GLU B 345 -1.78 -4.30 -20.52
C GLU B 345 -1.73 -4.67 -19.02
N GLY B 346 -1.76 -5.96 -18.71
CA GLY B 346 -1.52 -6.46 -17.36
C GLY B 346 -0.19 -6.09 -16.72
N ALA B 347 0.90 -6.20 -17.49
CA ALA B 347 2.25 -5.84 -17.02
C ALA B 347 2.33 -4.36 -16.69
N ALA B 348 1.68 -3.54 -17.52
CA ALA B 348 1.62 -2.09 -17.35
C ALA B 348 0.79 -1.70 -16.14
N ARG B 349 -0.43 -2.22 -16.06
CA ARG B 349 -1.27 -2.05 -14.86
C ARG B 349 -0.58 -2.55 -13.58
N GLY B 350 0.12 -3.67 -13.67
CA GLY B 350 1.00 -4.14 -12.59
C GLY B 350 0.29 -4.76 -11.41
N THR B 351 -0.95 -4.34 -11.18
CA THR B 351 -1.70 -4.71 -10.00
C THR B 351 -3.18 -4.35 -10.20
N SER B 352 -4.05 -5.03 -9.46
CA SER B 352 -5.42 -4.59 -9.32
C SER B 352 -5.44 -3.51 -8.25
N VAL B 353 -6.36 -2.58 -8.40
CA VAL B 353 -6.56 -1.48 -7.47
C VAL B 353 -7.97 -1.60 -6.90
N TYR B 354 -8.05 -1.68 -5.57
CA TYR B 354 -9.30 -1.80 -4.86
C TYR B 354 -9.64 -0.47 -4.21
N LEU B 355 -10.64 0.19 -4.77
CA LEU B 355 -11.22 1.37 -4.14
C LEU B 355 -12.42 0.89 -3.29
N VAL B 356 -13.01 1.79 -2.51
CA VAL B 356 -14.17 1.46 -1.64
C VAL B 356 -15.34 0.93 -2.46
N ASP B 357 -15.72 1.71 -3.47
CA ASP B 357 -16.84 1.37 -4.34
C ASP B 357 -16.46 0.71 -5.69
N LYS B 358 -15.17 0.39 -5.89
CA LYS B 358 -14.68 0.13 -7.23
C LYS B 358 -13.44 -0.75 -7.27
N ARG B 359 -13.43 -1.69 -8.21
CA ARG B 359 -12.25 -2.51 -8.41
CA ARG B 359 -12.30 -2.59 -8.43
C ARG B 359 -11.73 -2.26 -9.82
N ILE B 360 -10.46 -1.91 -9.92
CA ILE B 360 -9.87 -1.75 -11.24
C ILE B 360 -8.97 -2.95 -11.46
N ASP B 361 -9.43 -3.82 -12.35
CA ASP B 361 -8.78 -5.08 -12.69
C ASP B 361 -7.47 -4.92 -13.47
N MSE B 362 -6.53 -5.82 -13.21
CA MSE B 362 -5.30 -5.94 -13.97
C MSE B 362 -5.60 -6.67 -15.27
O MSE B 362 -4.99 -6.39 -16.32
CB MSE B 362 -4.26 -6.72 -13.16
CG MSE B 362 -2.87 -6.71 -13.77
SE MSE B 362 -1.62 -7.75 -12.72
CE MSE B 362 -2.21 -9.56 -13.15
N LEU B 363 -6.57 -7.60 -15.21
CA LEU B 363 -6.93 -8.49 -16.30
C LEU B 363 -8.43 -8.44 -16.62
N PRO B 364 -8.81 -8.75 -17.88
CA PRO B 364 -10.24 -8.85 -18.23
C PRO B 364 -10.99 -9.82 -17.32
N MSE B 365 -12.22 -9.48 -16.94
CA MSE B 365 -12.91 -10.24 -15.90
C MSE B 365 -13.35 -11.64 -16.33
O MSE B 365 -13.68 -12.46 -15.48
CB MSE B 365 -13.99 -9.44 -15.16
CG MSE B 365 -15.23 -9.03 -15.94
SE MSE B 365 -16.61 -8.11 -14.80
CE MSE B 365 -15.44 -6.78 -13.96
N LEU B 366 -13.32 -11.92 -17.63
CA LEU B 366 -13.48 -13.30 -18.13
C LEU B 366 -12.43 -14.22 -17.50
N LEU B 367 -11.20 -13.73 -17.41
CA LEU B 367 -10.15 -14.43 -16.66
C LEU B 367 -10.38 -14.31 -15.16
N GLY B 368 -10.26 -13.11 -14.64
CA GLY B 368 -10.24 -12.89 -13.19
C GLY B 368 -11.38 -13.53 -12.43
N THR B 369 -12.59 -13.42 -12.95
CA THR B 369 -13.80 -13.85 -12.22
C THR B 369 -14.46 -15.08 -12.82
N ASP B 370 -13.91 -15.62 -13.90
CA ASP B 370 -14.50 -16.84 -14.44
C ASP B 370 -13.46 -17.94 -14.69
N LEU B 371 -12.69 -17.81 -15.77
CA LEU B 371 -11.81 -18.90 -16.23
C LEU B 371 -10.58 -19.21 -15.38
N CYS B 372 -9.99 -18.19 -14.77
CA CYS B 372 -8.84 -18.41 -13.87
C CYS B 372 -9.24 -18.56 -12.41
N SER B 373 -10.37 -17.95 -12.04
CA SER B 373 -10.91 -18.05 -10.70
C SER B 373 -11.11 -19.52 -10.35
N LEU B 374 -10.67 -19.93 -9.16
CA LEU B 374 -10.81 -21.31 -8.73
C LEU B 374 -12.21 -21.52 -8.18
N LYS B 375 -13.19 -21.37 -9.07
CA LYS B 375 -14.61 -21.44 -8.76
C LYS B 375 -14.99 -22.82 -8.25
N PRO B 376 -15.99 -22.88 -7.35
CA PRO B 376 -16.36 -24.17 -6.80
C PRO B 376 -17.18 -24.98 -7.80
N TYR B 377 -17.17 -26.30 -7.62
CA TYR B 377 -17.93 -27.27 -8.44
C TYR B 377 -17.65 -27.25 -9.93
N VAL B 378 -16.58 -26.56 -10.33
CA VAL B 378 -16.19 -26.48 -11.74
C VAL B 378 -14.71 -26.82 -11.82
N ASP B 379 -14.35 -27.69 -12.77
CA ASP B 379 -12.96 -28.02 -13.04
C ASP B 379 -12.21 -26.77 -13.46
N ARG B 380 -11.10 -26.50 -12.79
CA ARG B 380 -10.25 -25.38 -13.17
C ARG B 380 -8.82 -25.87 -13.29
N PHE B 381 -8.05 -25.28 -14.20
CA PHE B 381 -6.59 -25.44 -14.20
C PHE B 381 -5.99 -24.68 -13.01
N ALA B 382 -4.82 -25.10 -12.57
CA ALA B 382 -4.16 -24.46 -11.43
C ALA B 382 -2.66 -24.70 -11.48
N PHE B 383 -1.94 -23.95 -10.68
CA PHE B 383 -0.54 -24.26 -10.42
C PHE B 383 -0.43 -24.66 -8.97
N SER B 384 -0.08 -25.93 -8.73
CA SER B 384 -0.16 -26.51 -7.39
C SER B 384 1.19 -26.71 -6.70
N VAL B 385 1.24 -26.27 -5.44
CA VAL B 385 2.34 -26.53 -4.53
C VAL B 385 1.86 -27.62 -3.55
N ILE B 386 2.60 -28.72 -3.49
CA ILE B 386 2.19 -29.91 -2.73
C ILE B 386 3.32 -30.32 -1.82
N TRP B 387 3.09 -30.24 -0.51
CA TRP B 387 4.10 -30.66 0.49
C TRP B 387 3.72 -31.96 1.17
N GLU B 388 4.73 -32.70 1.66
CA GLU B 388 4.51 -33.63 2.75
C GLU B 388 4.94 -32.92 4.02
N LEU B 389 4.01 -32.79 4.95
CA LEU B 389 4.25 -32.10 6.23
C LEU B 389 4.23 -33.08 7.38
N ASP B 390 5.21 -32.93 8.26
CA ASP B 390 5.17 -33.38 9.65
C ASP B 390 3.86 -33.02 10.34
N ASP B 391 3.56 -33.67 11.45
CA ASP B 391 2.50 -33.14 12.33
C ASP B 391 2.93 -31.88 13.10
N SER B 392 4.22 -31.57 13.05
CA SER B 392 4.74 -30.31 13.59
C SER B 392 4.77 -29.22 12.52
N ALA B 393 4.27 -29.55 11.33
CA ALA B 393 4.30 -28.71 10.11
C ALA B 393 5.67 -28.51 9.41
N ASN B 394 6.66 -29.31 9.78
CA ASN B 394 7.96 -29.28 9.11
C ASN B 394 7.82 -29.84 7.71
N ILE B 395 8.47 -29.20 6.74
CA ILE B 395 8.49 -29.74 5.37
C ILE B 395 9.32 -31.04 5.33
N VAL B 396 8.71 -32.12 4.82
CA VAL B 396 9.43 -33.36 4.53
C VAL B 396 9.89 -33.30 3.07
N ASN B 397 8.96 -33.03 2.17
CA ASN B 397 9.29 -32.72 0.76
C ASN B 397 8.29 -31.74 0.20
N VAL B 398 8.66 -31.11 -0.92
CA VAL B 398 7.78 -30.21 -1.62
C VAL B 398 7.83 -30.53 -3.13
N ASN B 399 6.69 -30.41 -3.81
CA ASN B 399 6.66 -30.58 -5.26
CA ASN B 399 6.62 -30.62 -5.26
C ASN B 399 5.74 -29.57 -5.92
N PHE B 400 6.11 -29.20 -7.15
CA PHE B 400 5.37 -28.20 -7.90
C PHE B 400 4.88 -28.83 -9.20
N MSE B 401 3.64 -28.50 -9.60
CA MSE B 401 3.02 -29.04 -10.81
C MSE B 401 1.82 -28.20 -11.27
O MSE B 401 1.06 -27.66 -10.45
CB MSE B 401 2.53 -30.46 -10.56
CG MSE B 401 1.38 -30.55 -9.53
SE MSE B 401 1.36 -32.26 -8.59
CE MSE B 401 3.00 -32.07 -7.55
N LYS B 402 1.66 -28.10 -12.59
CA LYS B 402 0.41 -27.65 -13.17
C LYS B 402 -0.63 -28.77 -13.04
N SER B 403 -1.89 -28.39 -12.79
CA SER B 403 -2.91 -29.39 -12.41
C SER B 403 -4.29 -29.05 -12.94
N VAL B 404 -5.20 -30.01 -12.80
CA VAL B 404 -6.62 -29.75 -12.93
C VAL B 404 -7.19 -30.03 -11.57
N ILE B 405 -8.02 -29.10 -11.12
CA ILE B 405 -8.60 -29.06 -9.78
CA ILE B 405 -8.63 -29.24 -9.80
C ILE B 405 -10.13 -29.06 -9.89
N ARG B 406 -10.81 -29.45 -8.80
CA ARG B 406 -12.22 -29.12 -8.68
C ARG B 406 -12.51 -28.77 -7.23
N SER B 407 -12.49 -27.47 -6.95
CA SER B 407 -12.86 -26.96 -5.64
C SER B 407 -14.19 -27.52 -5.23
N ARG B 408 -14.24 -28.05 -4.01
CA ARG B 408 -15.46 -28.65 -3.47
C ARG B 408 -16.49 -27.62 -2.98
N GLU B 409 -15.98 -26.48 -2.49
CA GLU B 409 -16.77 -25.44 -1.82
C GLU B 409 -15.98 -24.15 -1.76
N ALA B 410 -16.65 -23.03 -1.99
CA ALA B 410 -16.04 -21.72 -1.78
C ALA B 410 -16.65 -21.14 -0.52
N PHE B 411 -15.83 -20.93 0.51
CA PHE B 411 -16.28 -20.37 1.78
C PHE B 411 -15.84 -18.94 1.91
N SER B 412 -16.60 -18.18 2.68
CA SER B 412 -16.10 -16.93 3.25
C SER B 412 -15.34 -17.29 4.50
N TYR B 413 -14.58 -16.34 5.04
CA TYR B 413 -13.80 -16.59 6.28
C TYR B 413 -14.70 -17.01 7.43
N GLU B 414 -15.85 -16.36 7.53
CA GLU B 414 -16.75 -16.58 8.64
C GLU B 414 -17.43 -17.92 8.54
N GLN B 415 -17.89 -18.29 7.35
CA GLN B 415 -18.55 -19.58 7.15
C GLN B 415 -17.60 -20.74 7.47
N ALA B 416 -16.37 -20.65 6.95
CA ALA B 416 -15.28 -21.61 7.23
C ALA B 416 -15.02 -21.80 8.70
N GLN B 417 -14.94 -20.67 9.42
CA GLN B 417 -14.68 -20.65 10.84
C GLN B 417 -15.77 -21.40 11.59
N LEU B 418 -17.01 -21.05 11.31
CA LEU B 418 -18.16 -21.64 11.96
C LEU B 418 -18.29 -23.14 11.63
N ARG B 419 -17.93 -23.53 10.41
CA ARG B 419 -17.94 -24.95 10.03
C ARG B 419 -16.89 -25.77 10.81
N ILE B 420 -15.67 -25.24 10.90
CA ILE B 420 -14.58 -25.85 11.68
C ILE B 420 -14.95 -25.94 13.18
N ASP B 421 -15.52 -24.88 13.73
CA ASP B 421 -15.96 -24.86 15.14
C ASP B 421 -17.27 -25.60 15.41
N ASP B 422 -17.97 -25.99 14.34
CA ASP B 422 -19.23 -26.74 14.48
C ASP B 422 -19.00 -28.20 14.82
N LYS B 423 -19.09 -28.50 16.11
CA LYS B 423 -18.84 -29.84 16.65
C LYS B 423 -19.72 -30.96 16.07
N THR B 424 -20.84 -30.58 15.48
CA THR B 424 -21.76 -31.56 14.88
C THR B 424 -21.32 -32.01 13.48
N GLN B 425 -20.40 -31.29 12.85
CA GLN B 425 -19.95 -31.63 11.51
C GLN B 425 -18.63 -32.38 11.56
N ASN B 426 -18.61 -33.58 10.96
CA ASN B 426 -17.46 -34.49 11.08
C ASN B 426 -17.07 -35.12 9.74
N ASP B 427 -17.34 -34.41 8.66
CA ASP B 427 -17.06 -34.89 7.31
C ASP B 427 -15.62 -34.61 6.81
N GLU B 428 -15.32 -35.18 5.64
CA GLU B 428 -13.98 -35.21 5.10
C GLU B 428 -13.40 -33.83 4.78
N LEU B 429 -14.25 -32.91 4.35
CA LEU B 429 -13.82 -31.53 4.09
C LEU B 429 -13.51 -30.76 5.38
N THR B 430 -14.37 -30.91 6.38
CA THR B 430 -14.25 -30.22 7.67
C THR B 430 -13.00 -30.65 8.45
N MSE B 431 -12.71 -31.95 8.40
CA MSE B 431 -11.51 -32.56 8.98
C MSE B 431 -10.25 -32.03 8.29
O MSE B 431 -9.24 -31.78 8.94
CB MSE B 431 -11.58 -34.09 8.84
CG MSE B 431 -12.59 -34.79 9.74
SE MSE B 431 -12.98 -36.65 9.22
CE MSE B 431 -11.15 -37.41 9.24
N GLY B 432 -10.33 -31.86 6.98
CA GLY B 432 -9.25 -31.25 6.20
C GLY B 432 -8.98 -29.83 6.66
N MSE B 433 -10.04 -29.05 6.76
CA MSE B 433 -10.00 -27.66 7.20
C MSE B 433 -9.45 -27.55 8.62
O MSE B 433 -8.71 -26.61 8.95
CB MSE B 433 -11.39 -27.05 7.12
CG MSE B 433 -11.97 -26.97 5.71
SE MSE B 433 -13.91 -26.53 5.70
CE MSE B 433 -13.72 -24.61 5.99
N ARG B 434 -9.82 -28.52 9.46
CA ARG B 434 -9.37 -28.60 10.84
C ARG B 434 -7.90 -28.96 10.91
N ALA B 435 -7.47 -29.87 10.02
CA ALA B 435 -6.06 -30.24 9.92
C ALA B 435 -5.22 -29.04 9.56
N LEU B 436 -5.68 -28.28 8.56
CA LEU B 436 -5.05 -27.03 8.10
C LEU B 436 -4.95 -25.94 9.16
N LEU B 437 -5.96 -25.83 10.01
CA LEU B 437 -5.95 -24.78 11.01
C LEU B 437 -4.86 -25.16 12.00
N LYS B 438 -4.84 -26.44 12.37
CA LYS B 438 -3.84 -26.95 13.29
C LYS B 438 -2.41 -26.75 12.80
N LEU B 439 -2.16 -27.13 11.55
CA LEU B 439 -0.82 -26.96 10.95
C LEU B 439 -0.43 -25.49 10.86
N SER B 440 -1.39 -24.64 10.54
CA SER B 440 -1.18 -23.19 10.48
C SER B 440 -0.77 -22.58 11.82
N VAL B 441 -1.34 -23.08 12.91
CA VAL B 441 -0.98 -22.62 14.28
C VAL B 441 0.49 -22.91 14.58
N LYS B 442 0.93 -24.13 14.23
CA LYS B 442 2.31 -24.54 14.41
C LYS B 442 3.25 -23.77 13.50
N LEU B 443 2.85 -23.61 12.24
CA LEU B 443 3.57 -22.79 11.27
C LEU B 443 3.80 -21.37 11.78
N LYS B 444 2.73 -20.75 12.33
CA LYS B 444 2.82 -19.36 12.80
C LYS B 444 3.69 -19.23 14.03
N GLN B 445 3.52 -20.16 14.97
CA GLN B 445 4.38 -20.29 16.15
C GLN B 445 5.88 -20.30 15.78
N LYS B 446 6.24 -21.09 14.78
CA LYS B 446 7.63 -21.19 14.31
C LYS B 446 8.13 -19.92 13.61
N ARG B 447 7.27 -19.31 12.79
CA ARG B 447 7.57 -18.01 12.22
C ARG B 447 7.91 -16.99 13.33
N LEU B 448 7.09 -16.95 14.37
CA LEU B 448 7.24 -15.97 15.46
C LEU B 448 8.49 -16.21 16.29
N GLU B 449 8.80 -17.48 16.55
CA GLU B 449 10.05 -17.83 17.20
C GLU B 449 11.26 -17.46 16.36
N ALA B 450 11.13 -17.51 15.04
CA ALA B 450 12.26 -17.16 14.17
C ALA B 450 12.46 -15.65 14.04
N GLY B 451 11.51 -14.88 14.56
CA GLY B 451 11.62 -13.43 14.58
C GLY B 451 10.65 -12.64 13.71
N ALA B 452 9.60 -13.30 13.22
CA ALA B 452 8.58 -12.63 12.42
C ALA B 452 7.86 -11.53 13.19
N LEU B 453 7.56 -10.44 12.48
CA LEU B 453 6.75 -9.35 12.99
C LEU B 453 5.27 -9.65 12.82
N ASN B 454 4.47 -9.22 13.77
CA ASN B 454 3.03 -9.25 13.54
C ASN B 454 2.42 -7.87 13.75
N LEU B 455 2.60 -7.01 12.75
CA LEU B 455 2.18 -5.63 12.77
C LEU B 455 0.73 -5.41 12.35
N ALA B 456 0.06 -6.49 11.93
CA ALA B 456 -1.31 -6.43 11.40
C ALA B 456 -2.38 -5.91 12.39
N SER B 457 -3.12 -4.90 11.98
CA SER B 457 -4.22 -4.31 12.76
C SER B 457 -5.56 -4.44 12.00
N PRO B 458 -6.69 -4.38 12.72
CA PRO B 458 -8.03 -4.40 12.06
C PRO B 458 -8.23 -3.26 11.07
N GLU B 459 -8.61 -3.58 9.83
CA GLU B 459 -8.85 -2.53 8.82
C GLU B 459 -10.34 -2.24 8.56
N VAL B 460 -10.58 -1.24 7.72
CA VAL B 460 -11.93 -0.71 7.54
C VAL B 460 -12.58 -1.14 6.22
N LYS B 461 -13.83 -1.55 6.36
CA LYS B 461 -14.73 -1.77 5.24
C LYS B 461 -15.94 -0.84 5.40
N VAL B 462 -16.18 -0.03 4.39
CA VAL B 462 -17.29 0.92 4.41
C VAL B 462 -18.54 0.31 3.80
N HIS B 463 -19.69 0.55 4.41
CA HIS B 463 -20.96 0.06 3.87
C HIS B 463 -21.78 1.18 3.27
N MSE B 464 -22.37 0.86 2.12
CA MSE B 464 -23.16 1.81 1.37
C MSE B 464 -24.64 1.84 1.78
O MSE B 464 -25.12 0.95 2.49
CB MSE B 464 -22.98 1.56 -0.12
CG MSE B 464 -22.19 2.67 -0.85
SE MSE B 464 -20.37 3.15 -0.24
CE MSE B 464 -19.55 1.36 -0.19
N ASP B 465 -25.32 2.90 1.36
CA ASP B 465 -26.71 3.14 1.74
C ASP B 465 -27.62 3.01 0.51
N SER B 466 -28.53 3.97 0.33
CA SER B 466 -29.46 3.99 -0.80
C SER B 466 -28.75 3.99 -2.16
N GLU B 467 -27.59 4.64 -2.23
CA GLU B 467 -26.78 4.69 -3.46
C GLU B 467 -25.54 3.84 -3.32
N THR B 468 -24.94 3.48 -4.45
CA THR B 468 -23.72 2.66 -4.47
C THR B 468 -22.48 3.44 -4.02
N SER B 469 -22.58 4.77 -4.02
CA SER B 469 -21.52 5.67 -3.57
C SER B 469 -21.89 6.52 -2.35
N ASP B 470 -23.08 6.29 -1.79
CA ASP B 470 -23.49 6.99 -0.56
C ASP B 470 -23.25 6.09 0.66
N PRO B 471 -22.25 6.44 1.51
CA PRO B 471 -21.81 5.57 2.61
C PRO B 471 -22.63 5.74 3.90
N ASN B 472 -23.00 4.62 4.51
CA ASN B 472 -23.83 4.59 5.71
C ASN B 472 -23.04 4.34 6.98
N GLU B 473 -22.25 3.27 7.00
CA GLU B 473 -21.51 2.89 8.20
C GLU B 473 -20.14 2.29 7.93
N VAL B 474 -19.26 2.40 8.93
CA VAL B 474 -17.88 1.92 8.84
C VAL B 474 -17.70 0.67 9.71
N GLU B 475 -17.17 -0.40 9.11
CA GLU B 475 -16.88 -1.63 9.85
C GLU B 475 -15.38 -1.80 10.06
N ILE B 476 -14.97 -2.00 11.31
CA ILE B 476 -13.61 -2.42 11.61
C ILE B 476 -13.63 -3.96 11.62
N LYS B 477 -12.81 -4.59 10.79
CA LYS B 477 -12.88 -6.03 10.57
C LYS B 477 -12.25 -6.85 11.70
N LYS B 478 -13.01 -7.78 12.27
CA LYS B 478 -12.50 -8.70 13.29
C LYS B 478 -11.73 -9.86 12.64
N LEU B 479 -10.54 -10.14 13.15
CA LEU B 479 -9.76 -11.28 12.64
C LEU B 479 -10.31 -12.58 13.19
N LEU B 480 -10.52 -13.54 12.30
CA LEU B 480 -10.88 -14.91 12.65
C LEU B 480 -9.65 -15.79 12.45
N ALA B 481 -9.65 -16.96 13.06
CA ALA B 481 -8.56 -17.94 12.91
C ALA B 481 -8.36 -18.42 11.47
N THR B 482 -9.45 -18.52 10.70
CA THR B 482 -9.37 -18.85 9.27
C THR B 482 -8.60 -17.82 8.41
N ASN B 483 -8.50 -16.57 8.90
CA ASN B 483 -7.67 -15.57 8.25
C ASN B 483 -6.20 -15.95 8.34
N SER B 484 -5.81 -16.50 9.49
CA SER B 484 -4.44 -16.94 9.71
C SER B 484 -4.18 -18.30 9.09
N LEU B 485 -5.21 -19.15 9.00
CA LEU B 485 -5.08 -20.42 8.31
C LEU B 485 -4.66 -20.21 6.86
N VAL B 486 -5.30 -19.29 6.16
CA VAL B 486 -5.01 -19.01 4.76
C VAL B 486 -3.67 -18.35 4.58
N GLU B 487 -3.40 -17.32 5.41
CA GLU B 487 -2.13 -16.59 5.39
C GLU B 487 -0.88 -17.46 5.57
N GLU B 488 -0.91 -18.38 6.52
CA GLU B 488 0.23 -19.28 6.76
C GLU B 488 0.56 -20.17 5.57
N PHE B 489 -0.45 -20.64 4.85
CA PHE B 489 -0.23 -21.48 3.69
C PHE B 489 0.10 -20.67 2.45
N MSE B 490 -0.34 -19.41 2.41
CA MSE B 490 0.08 -18.49 1.35
C MSE B 490 1.55 -18.19 1.52
O MSE B 490 2.33 -18.27 0.56
CB MSE B 490 -0.75 -17.21 1.31
CG MSE B 490 -2.23 -17.40 1.01
SE MSE B 490 -2.72 -18.51 -0.54
CE MSE B 490 -2.96 -20.24 0.33
N LEU B 491 1.93 -17.90 2.75
CA LEU B 491 3.33 -17.69 3.12
C LEU B 491 4.16 -18.92 2.79
N LEU B 492 3.70 -20.10 3.19
CA LEU B 492 4.36 -21.37 2.86
C LEU B 492 4.50 -21.55 1.34
N ALA B 493 3.43 -21.29 0.58
CA ALA B 493 3.48 -21.36 -0.90
C ALA B 493 4.52 -20.41 -1.49
N ASN B 494 4.52 -19.15 -1.04
CA ASN B 494 5.42 -18.11 -1.53
C ASN B 494 6.91 -18.34 -1.24
N ILE B 495 7.22 -18.83 -0.04
CA ILE B 495 8.58 -19.21 0.36
C ILE B 495 9.11 -20.44 -0.40
N SER B 496 8.30 -21.47 -0.56
CA SER B 496 8.70 -22.67 -1.29
C SER B 496 9.00 -22.37 -2.77
N VAL B 497 8.25 -21.47 -3.37
CA VAL B 497 8.45 -21.18 -4.80
C VAL B 497 9.62 -20.25 -5.08
N ALA B 498 9.78 -19.23 -4.23
CA ALA B 498 10.95 -18.35 -4.19
C ALA B 498 12.29 -19.13 -4.13
N ARG B 499 12.34 -20.19 -3.32
CA ARG B 499 13.51 -21.08 -3.25
C ARG B 499 13.68 -21.88 -4.53
N LYS B 500 12.55 -22.26 -5.12
CA LYS B 500 12.59 -23.07 -6.31
C LYS B 500 13.05 -22.24 -7.50
N ILE B 501 12.50 -21.05 -7.67
CA ILE B 501 12.80 -20.22 -8.84
C ILE B 501 14.17 -19.56 -8.77
N TYR B 502 14.61 -19.25 -7.56
CA TYR B 502 15.96 -18.76 -7.37
C TYR B 502 16.95 -19.89 -7.66
N ASP B 503 16.52 -21.11 -7.37
CA ASP B 503 17.32 -22.28 -7.69
C ASP B 503 17.51 -22.44 -9.19
N ALA B 504 16.40 -22.39 -9.93
CA ALA B 504 16.42 -22.52 -11.38
C ALA B 504 17.02 -21.32 -12.10
N PHE B 505 16.80 -20.11 -11.58
CA PHE B 505 17.24 -18.88 -12.24
C PHE B 505 17.95 -17.90 -11.30
N PRO B 506 19.17 -18.23 -10.84
CA PRO B 506 19.90 -17.46 -9.84
C PRO B 506 20.17 -16.01 -10.24
N GLN B 507 20.04 -15.69 -11.52
CA GLN B 507 20.31 -14.33 -11.98
C GLN B 507 19.07 -13.46 -12.15
N THR B 508 17.91 -14.06 -12.41
CA THR B 508 16.74 -13.25 -12.78
C THR B 508 15.43 -13.63 -12.08
N ALA B 509 15.54 -14.37 -10.97
CA ALA B 509 14.35 -14.79 -10.22
C ALA B 509 13.61 -13.58 -9.71
N MSE B 510 12.28 -13.60 -9.89
CA MSE B 510 11.38 -12.57 -9.38
C MSE B 510 11.17 -12.78 -7.88
O MSE B 510 10.48 -13.73 -7.47
CB MSE B 510 10.03 -12.64 -10.11
CG MSE B 510 9.03 -11.60 -9.66
SE MSE B 510 9.67 -9.75 -9.91
CE MSE B 510 8.71 -9.32 -11.54
N LEU B 511 11.76 -11.89 -7.08
CA LEU B 511 11.75 -12.01 -5.63
C LEU B 511 11.20 -10.75 -4.95
N ARG B 512 11.02 -10.80 -3.63
CA ARG B 512 10.59 -9.64 -2.81
C ARG B 512 11.33 -9.59 -1.46
N ARG B 513 12.03 -8.48 -1.22
CA ARG B 513 12.86 -8.28 -0.03
C ARG B 513 12.24 -7.20 0.85
N HIS B 514 12.73 -7.09 2.08
CA HIS B 514 12.28 -6.03 2.98
C HIS B 514 13.43 -5.67 3.92
N ALA B 515 13.94 -4.45 3.78
CA ALA B 515 15.11 -4.00 4.54
C ALA B 515 14.75 -3.82 6.01
N ALA B 516 15.78 -3.93 6.88
CA ALA B 516 15.64 -3.58 8.29
C ALA B 516 15.48 -2.07 8.40
N PRO B 517 14.68 -1.61 9.38
CA PRO B 517 14.57 -0.17 9.55
C PRO B 517 15.82 0.39 10.24
N PRO B 518 16.35 1.53 9.76
CA PRO B 518 17.35 2.20 10.57
C PRO B 518 16.76 2.59 11.93
N SER B 519 17.62 2.75 12.94
CA SER B 519 17.19 3.16 14.27
C SER B 519 16.54 4.53 14.23
N THR B 520 16.95 5.30 13.23
CA THR B 520 16.45 6.65 13.01
C THR B 520 14.96 6.65 12.66
N ASN B 521 14.48 5.57 12.06
CA ASN B 521 13.06 5.37 11.79
C ASN B 521 12.21 5.30 13.06
N PHE B 522 12.81 4.83 14.15
CA PHE B 522 12.13 4.61 15.43
C PHE B 522 12.58 5.58 16.51
N GLU B 523 13.28 6.63 16.09
CA GLU B 523 13.89 7.54 17.02
C GLU B 523 12.83 8.32 17.79
N ILE B 524 11.85 8.87 17.08
CA ILE B 524 10.83 9.73 17.67
C ILE B 524 9.88 8.88 18.51
N LEU B 525 9.39 7.80 17.90
CA LEU B 525 8.48 6.92 18.59
C LEU B 525 9.06 6.37 19.89
N ASN B 526 10.34 6.00 19.91
CA ASN B 526 11.00 5.59 21.16
C ASN B 526 11.16 6.71 22.18
N GLU B 527 11.31 7.94 21.70
CA GLU B 527 11.43 9.07 22.59
C GLU B 527 10.07 9.40 23.17
N MSE B 528 9.02 9.37 22.34
CA MSE B 528 7.65 9.51 22.81
C MSE B 528 7.31 8.46 23.88
O MSE B 528 6.73 8.79 24.89
CB MSE B 528 6.63 9.41 21.68
CG MSE B 528 6.44 10.64 20.81
SE MSE B 528 5.38 10.14 19.22
CE MSE B 528 5.32 11.96 18.55
N LEU B 529 7.66 7.20 23.62
CA LEU B 529 7.36 6.07 24.51
C LEU B 529 8.13 6.10 25.83
N ASN B 530 9.37 6.57 25.78
CA ASN B 530 10.14 6.77 26.98
C ASN B 530 9.60 7.91 27.86
N THR B 531 9.46 9.10 27.29
CA THR B 531 9.03 10.25 28.05
C THR B 531 7.59 10.10 28.55
N ARG B 532 6.73 9.51 27.74
CA ARG B 532 5.30 9.48 28.04
CA ARG B 532 5.30 9.48 28.04
C ARG B 532 4.83 8.22 28.76
N LYS B 533 5.51 7.10 28.50
CA LYS B 533 5.05 5.78 28.96
C LYS B 533 6.08 4.97 29.75
N ASN B 534 7.35 5.37 29.72
CA ASN B 534 8.43 4.56 30.28
C ASN B 534 8.53 3.18 29.62
N MSE B 535 8.38 3.20 28.30
CA MSE B 535 8.41 2.03 27.46
C MSE B 535 9.32 2.23 26.24
O MSE B 535 9.69 3.34 25.91
CB MSE B 535 7.00 1.70 26.97
CG MSE B 535 6.03 1.29 28.05
SE MSE B 535 4.28 1.08 27.23
CE MSE B 535 3.16 1.08 28.83
N SER B 536 9.65 1.14 25.55
CA SER B 536 10.57 1.20 24.43
C SER B 536 10.32 0.09 23.44
N ILE B 537 10.63 0.37 22.18
CA ILE B 537 10.72 -0.66 21.16
C ILE B 537 12.21 -0.96 20.89
N SER B 538 12.55 -2.23 21.01
CA SER B 538 13.92 -2.70 20.82
C SER B 538 14.21 -2.98 19.35
N LEU B 539 15.37 -2.53 18.85
CA LEU B 539 15.80 -2.87 17.48
C LEU B 539 17.03 -3.77 17.45
N GLU B 540 17.24 -4.52 18.53
CA GLU B 540 18.31 -5.53 18.62
C GLU B 540 18.18 -6.51 17.46
N SER B 541 16.93 -6.93 17.23
CA SER B 541 16.54 -7.82 16.14
C SER B 541 15.04 -7.61 15.90
N SER B 542 14.49 -8.31 14.90
CA SER B 542 13.04 -8.30 14.65
C SER B 542 12.27 -9.04 15.75
N LYS B 543 12.89 -10.05 16.33
CA LYS B 543 12.27 -10.73 17.48
C LYS B 543 12.16 -9.85 18.71
N ALA B 544 13.23 -9.11 19.02
CA ALA B 544 13.20 -8.12 20.10
C ALA B 544 12.19 -7.02 19.79
N LEU B 545 12.17 -6.55 18.55
CA LEU B 545 11.15 -5.60 18.09
C LEU B 545 9.71 -6.12 18.33
N ALA B 546 9.44 -7.34 17.87
CA ALA B 546 8.12 -7.98 18.03
C ALA B 546 7.74 -8.23 19.48
N ASP B 547 8.68 -8.75 20.27
CA ASP B 547 8.43 -9.03 21.70
C ASP B 547 8.21 -7.78 22.58
N SER B 548 9.02 -6.74 22.38
CA SER B 548 8.86 -5.51 23.16
C SER B 548 7.57 -4.81 22.77
N LEU B 549 7.22 -4.90 21.48
CA LEU B 549 5.96 -4.35 21.00
C LEU B 549 4.78 -5.06 21.69
N ASP B 550 4.80 -6.39 21.70
CA ASP B 550 3.84 -7.20 22.48
C ASP B 550 3.69 -6.80 23.93
N ARG B 551 4.77 -6.37 24.55
CA ARG B 551 4.76 -6.02 25.96
C ARG B 551 4.39 -4.56 26.24
N CYS B 552 4.19 -3.77 25.19
CA CYS B 552 3.75 -2.38 25.32
C CYS B 552 2.26 -2.33 25.65
N VAL B 553 1.94 -2.53 26.92
CA VAL B 553 0.58 -2.73 27.40
C VAL B 553 0.21 -1.71 28.47
N ASP B 554 -0.99 -1.16 28.32
CA ASP B 554 -1.60 -0.38 29.37
C ASP B 554 -2.74 -1.25 29.89
N PRO B 555 -2.65 -1.71 31.15
CA PRO B 555 -3.64 -2.63 31.76
C PRO B 555 -5.10 -2.14 31.71
N GLU B 556 -5.32 -0.87 32.03
CA GLU B 556 -6.65 -0.28 31.99
C GLU B 556 -6.91 0.45 30.67
N ASP B 557 -6.49 -0.15 29.55
CA ASP B 557 -6.72 0.37 28.20
C ASP B 557 -6.10 -0.54 27.16
N PRO B 558 -6.85 -1.58 26.73
CA PRO B 558 -6.36 -2.57 25.77
C PRO B 558 -6.00 -1.98 24.41
N TYR B 559 -6.62 -0.87 24.01
CA TYR B 559 -6.30 -0.30 22.69
C TYR B 559 -4.90 0.26 22.57
N PHE B 560 -4.30 0.70 23.67
CA PHE B 560 -2.99 1.33 23.60
C PHE B 560 -2.00 0.50 22.81
N ASN B 561 -1.99 -0.79 23.08
CA ASN B 561 -1.08 -1.68 22.37
C ASN B 561 -1.25 -1.68 20.85
N THR B 562 -2.48 -1.50 20.38
CA THR B 562 -2.78 -1.46 18.97
C THR B 562 -2.37 -0.11 18.42
N LEU B 563 -2.54 0.94 19.22
CA LEU B 563 -2.07 2.28 18.82
C LEU B 563 -0.58 2.21 18.46
N VAL B 564 0.23 1.63 19.33
CA VAL B 564 1.68 1.57 19.15
C VAL B 564 2.09 0.66 17.99
N ARG B 565 1.34 -0.42 17.83
CA ARG B 565 1.53 -1.37 16.74
C ARG B 565 1.28 -0.72 15.36
N ILE B 566 0.21 0.07 15.24
CA ILE B 566 -0.06 0.81 14.03
C ILE B 566 1.00 1.91 13.75
N MSE B 567 1.54 2.52 14.82
CA MSE B 567 2.54 3.58 14.72
C MSE B 567 3.91 3.03 14.37
O MSE B 567 4.71 3.73 13.76
CB MSE B 567 2.64 4.39 16.04
CG MSE B 567 1.46 5.32 16.31
SE MSE B 567 1.54 6.04 18.15
CE MSE B 567 2.48 7.73 17.76
N SER B 568 4.18 1.79 14.78
CA SER B 568 5.40 1.05 14.40
C SER B 568 5.42 0.67 12.92
N THR B 569 4.26 0.27 12.41
CA THR B 569 4.05 -0.02 10.99
C THR B 569 4.52 1.13 10.08
N ARG B 570 4.30 2.39 10.50
CA ARG B 570 4.73 3.57 9.75
C ARG B 570 6.23 3.83 9.79
N CYS B 571 6.92 3.15 10.69
CA CYS B 571 8.36 3.27 10.83
C CYS B 571 9.07 2.19 10.01
N MSE B 572 8.31 1.38 9.30
CA MSE B 572 8.89 0.36 8.44
C MSE B 572 9.46 0.93 7.17
O MSE B 572 9.01 1.95 6.66
CB MSE B 572 7.86 -0.71 8.10
CG MSE B 572 7.40 -1.54 9.26
SE MSE B 572 8.78 -2.77 9.90
CE MSE B 572 9.17 -1.92 11.61
N MSE B 573 10.49 0.26 6.66
CA MSE B 573 10.95 0.47 5.30
C MSE B 573 9.97 -0.17 4.35
O MSE B 573 9.24 -1.12 4.73
CB MSE B 573 12.30 -0.20 5.13
CG MSE B 573 13.36 0.37 6.04
SE MSE B 573 14.11 2.01 5.32
CE MSE B 573 15.66 1.21 4.41
N ALA B 574 9.96 0.31 3.13
CA ALA B 574 9.13 -0.29 2.10
C ALA B 574 9.73 -1.65 1.66
N ALA B 575 8.94 -2.72 1.71
CA ALA B 575 9.28 -3.97 1.00
C ALA B 575 9.30 -3.69 -0.50
N GLN B 576 10.18 -4.38 -1.21
CA GLN B 576 10.45 -4.07 -2.61
C GLN B 576 10.67 -5.35 -3.42
N TYR B 577 9.95 -5.49 -4.53
CA TYR B 577 10.26 -6.52 -5.55
C TYR B 577 11.64 -6.28 -6.12
N PHE B 578 12.31 -7.36 -6.54
CA PHE B 578 13.64 -7.25 -7.14
C PHE B 578 13.96 -8.51 -7.92
N TYR B 579 14.89 -8.42 -8.85
CA TYR B 579 15.34 -9.67 -9.49
C TYR B 579 16.61 -10.13 -8.78
N SER B 580 16.71 -11.43 -8.53
CA SER B 580 17.79 -12.04 -7.71
C SER B 580 19.22 -11.55 -8.05
N GLY B 581 19.47 -11.27 -9.32
CA GLY B 581 20.78 -10.81 -9.77
C GLY B 581 21.22 -9.44 -9.29
N ALA B 582 20.28 -8.64 -8.82
CA ALA B 582 20.54 -7.26 -8.39
C ALA B 582 21.27 -7.15 -7.05
N TYR B 583 21.11 -8.14 -6.18
CA TYR B 583 21.67 -8.12 -4.83
C TYR B 583 22.41 -9.44 -4.55
N SER B 584 23.12 -9.50 -3.42
CA SER B 584 23.70 -10.78 -2.96
C SER B 584 22.74 -11.42 -1.97
N TYR B 585 22.85 -12.74 -1.82
CA TYR B 585 21.91 -13.50 -1.00
C TYR B 585 21.50 -12.93 0.38
N PRO B 586 22.47 -12.43 1.19
CA PRO B 586 22.04 -11.91 2.50
C PRO B 586 21.09 -10.72 2.40
N ASP B 587 21.09 -10.05 1.25
CA ASP B 587 20.22 -8.89 1.01
C ASP B 587 18.85 -9.26 0.39
N PHE B 588 18.58 -10.56 0.26
CA PHE B 588 17.30 -11.08 -0.21
C PHE B 588 16.33 -11.06 0.97
N ARG B 589 16.91 -10.87 2.16
CA ARG B 589 16.26 -10.91 3.46
C ARG B 589 14.89 -10.21 3.50
N HIS B 590 13.88 -10.92 3.98
CA HIS B 590 12.64 -10.25 4.31
C HIS B 590 12.65 -10.04 5.83
N TYR B 591 12.87 -8.79 6.27
CA TYR B 591 12.97 -8.45 7.71
C TYR B 591 11.67 -8.73 8.44
N GLY B 592 10.59 -8.16 7.91
CA GLY B 592 9.26 -8.22 8.50
C GLY B 592 8.82 -9.65 8.69
N LEU B 593 9.12 -10.49 7.71
CA LEU B 593 8.72 -11.89 7.77
C LEU B 593 9.78 -12.81 8.36
N ALA B 594 10.99 -12.27 8.58
CA ALA B 594 12.12 -13.03 9.11
C ALA B 594 12.40 -14.34 8.32
N VAL B 595 12.33 -14.23 6.99
CA VAL B 595 12.76 -15.32 6.13
C VAL B 595 13.87 -14.84 5.22
N ASP B 596 14.69 -15.76 4.75
CA ASP B 596 15.87 -15.45 3.92
C ASP B 596 15.59 -15.09 2.47
N ILE B 597 14.44 -15.54 1.97
CA ILE B 597 14.07 -15.36 0.56
C ILE B 597 12.55 -15.44 0.45
N TYR B 598 11.96 -14.56 -0.35
CA TYR B 598 10.51 -14.48 -0.44
C TYR B 598 10.12 -14.03 -1.83
N THR B 599 8.87 -14.28 -2.21
CA THR B 599 8.33 -13.77 -3.47
C THR B 599 6.82 -13.71 -3.38
N HIS B 600 6.19 -13.16 -4.41
CA HIS B 600 4.73 -13.16 -4.53
C HIS B 600 4.32 -14.09 -5.67
N PHE B 601 3.58 -15.15 -5.32
CA PHE B 601 3.19 -16.24 -6.22
C PHE B 601 1.67 -16.49 -6.22
N THR B 602 1.08 -16.25 -5.05
CA THR B 602 -0.26 -16.76 -4.74
C THR B 602 -1.44 -15.98 -5.33
N SER B 603 -1.15 -14.86 -5.99
CA SER B 603 -2.19 -13.97 -6.51
C SER B 603 -1.98 -13.41 -7.95
N PRO B 604 -1.77 -14.27 -8.95
CA PRO B 604 -1.51 -13.83 -10.33
C PRO B 604 -2.69 -13.12 -11.03
N ILE B 605 -3.90 -13.26 -10.50
CA ILE B 605 -5.04 -12.57 -11.09
C ILE B 605 -4.92 -11.08 -10.81
N ARG B 606 -4.35 -10.76 -9.65
CA ARG B 606 -4.41 -9.39 -9.17
C ARG B 606 -3.06 -8.66 -9.01
N ARG B 607 -1.96 -9.36 -9.27
CA ARG B 607 -0.61 -8.81 -9.18
C ARG B 607 0.29 -9.37 -10.28
N TYR B 608 1.03 -8.50 -10.97
CA TYR B 608 1.92 -8.91 -12.07
C TYR B 608 3.18 -9.66 -11.67
N CYS B 609 3.77 -9.33 -10.52
CA CYS B 609 4.86 -10.11 -9.94
C CYS B 609 4.62 -11.62 -9.98
N ASP B 610 3.37 -12.03 -9.67
CA ASP B 610 2.97 -13.43 -9.59
C ASP B 610 2.83 -14.12 -10.96
N VAL B 611 2.52 -13.34 -11.97
CA VAL B 611 2.54 -13.80 -13.33
C VAL B 611 4.00 -14.24 -13.71
N VAL B 612 4.98 -13.38 -13.43
CA VAL B 612 6.40 -13.66 -13.69
C VAL B 612 6.89 -14.86 -12.91
N ALA B 613 6.56 -14.90 -11.61
CA ALA B 613 6.96 -16.00 -10.72
C ALA B 613 6.43 -17.33 -11.22
N HIS B 614 5.17 -17.30 -11.66
CA HIS B 614 4.48 -18.43 -12.28
C HIS B 614 5.22 -18.95 -13.52
N ARG B 615 5.66 -18.04 -14.39
CA ARG B 615 6.41 -18.44 -15.61
C ARG B 615 7.75 -19.06 -15.21
N GLN B 616 8.38 -18.48 -14.18
CA GLN B 616 9.67 -18.94 -13.71
C GLN B 616 9.61 -20.30 -13.03
N LEU B 617 8.47 -20.59 -12.39
CA LEU B 617 8.22 -21.87 -11.78
C LEU B 617 7.92 -22.94 -12.85
N ALA B 618 7.09 -22.60 -13.83
CA ALA B 618 6.90 -23.45 -14.99
C ALA B 618 8.21 -23.70 -15.76
N GLY B 619 9.11 -22.70 -15.77
CA GLY B 619 10.48 -22.86 -16.27
C GLY B 619 11.29 -23.82 -15.41
N ALA B 620 11.26 -23.60 -14.09
CA ALA B 620 11.96 -24.42 -13.08
C ALA B 620 11.63 -25.91 -13.10
N ILE B 621 10.36 -26.25 -13.27
CA ILE B 621 9.92 -27.65 -13.24
C ILE B 621 9.98 -28.34 -14.61
N GLY B 622 10.40 -27.60 -15.64
CA GLY B 622 10.55 -28.18 -16.97
C GLY B 622 9.23 -28.34 -17.71
N TYR B 623 8.20 -27.65 -17.24
CA TYR B 623 6.89 -27.71 -17.88
C TYR B 623 6.90 -26.98 -19.24
N GLU B 624 7.54 -25.81 -19.26
CA GLU B 624 7.68 -24.96 -20.46
C GLU B 624 9.04 -24.23 -20.36
N PRO B 625 9.64 -23.83 -21.49
CA PRO B 625 10.79 -22.91 -21.37
C PRO B 625 10.42 -21.49 -20.89
N LEU B 626 11.29 -20.91 -20.06
CA LEU B 626 11.10 -19.55 -19.58
C LEU B 626 11.36 -18.54 -20.69
N SER B 627 10.40 -17.64 -20.85
CA SER B 627 10.51 -16.53 -21.79
C SER B 627 11.80 -15.77 -21.56
N LEU B 628 12.48 -15.45 -22.66
CA LEU B 628 13.81 -14.83 -22.56
C LEU B 628 13.69 -13.44 -21.98
N THR B 629 12.48 -12.88 -22.07
CA THR B 629 12.09 -11.64 -21.40
C THR B 629 12.41 -11.68 -19.91
N HIS B 630 12.12 -12.79 -19.24
CA HIS B 630 12.36 -12.88 -17.80
C HIS B 630 13.74 -13.47 -17.45
N ARG B 631 14.66 -13.41 -18.43
CA ARG B 631 16.04 -13.92 -18.31
C ARG B 631 17.02 -12.84 -18.72
N ASP B 632 16.44 -11.71 -19.16
CA ASP B 632 17.14 -10.48 -19.50
C ASP B 632 17.05 -9.57 -18.27
N LYS B 633 18.20 -9.21 -17.72
CA LYS B 633 18.28 -8.43 -16.49
C LYS B 633 17.74 -7.02 -16.67
N ASN B 634 18.00 -6.41 -17.83
CA ASN B 634 17.52 -5.07 -18.10
C ASN B 634 16.00 -4.97 -18.19
N LYS B 635 15.36 -5.96 -18.82
CA LYS B 635 13.90 -6.01 -18.89
C LYS B 635 13.27 -6.31 -17.52
N MSE B 636 13.89 -7.24 -16.79
CA MSE B 636 13.50 -7.58 -15.43
C MSE B 636 13.56 -6.38 -14.49
O MSE B 636 12.62 -6.13 -13.74
CB MSE B 636 14.35 -8.73 -14.89
CG MSE B 636 13.85 -10.11 -15.31
SE MSE B 636 11.97 -10.47 -14.82
CE MSE B 636 12.21 -11.04 -12.96
N ASP B 637 14.68 -5.66 -14.56
CA ASP B 637 14.91 -4.45 -13.79
C ASP B 637 13.87 -3.35 -14.07
N MSE B 638 13.41 -3.25 -15.31
CA MSE B 638 12.39 -2.30 -15.69
C MSE B 638 11.01 -2.72 -15.21
O MSE B 638 10.17 -1.87 -14.88
CB MSE B 638 12.37 -2.08 -17.19
CG MSE B 638 13.58 -1.30 -17.74
SE MSE B 638 13.95 0.41 -16.84
CE MSE B 638 12.30 1.40 -17.27
N ILE B 639 10.78 -4.02 -15.16
CA ILE B 639 9.53 -4.62 -14.71
C ILE B 639 9.31 -4.37 -13.21
N CYS B 640 10.38 -4.58 -12.42
CA CYS B 640 10.37 -4.42 -10.97
C CYS B 640 10.17 -2.97 -10.57
N ARG B 641 10.86 -2.10 -11.30
CA ARG B 641 10.72 -0.67 -11.12
C ARG B 641 9.27 -0.27 -11.29
N ASN B 642 8.66 -0.71 -12.40
CA ASN B 642 7.26 -0.41 -12.68
C ASN B 642 6.30 -0.97 -11.62
N ILE B 643 6.43 -2.25 -11.26
CA ILE B 643 5.50 -2.89 -10.33
C ILE B 643 5.61 -2.48 -8.85
N ASN B 644 6.80 -2.03 -8.44
CA ASN B 644 6.97 -1.36 -7.16
C ASN B 644 6.24 -0.03 -7.17
N ARG B 645 6.18 0.60 -8.33
CA ARG B 645 5.52 1.87 -8.49
C ARG B 645 4.01 1.70 -8.51
N LYS B 646 3.56 0.70 -9.25
CA LYS B 646 2.15 0.36 -9.31
C LYS B 646 1.63 -0.16 -7.96
N HIS B 647 2.42 -0.96 -7.26
CA HIS B 647 2.09 -1.43 -5.91
C HIS B 647 1.89 -0.28 -4.91
N ARG B 648 2.86 0.64 -4.85
CA ARG B 648 2.77 1.82 -3.99
CA ARG B 648 2.76 1.81 -3.97
C ARG B 648 1.54 2.66 -4.33
N ASN B 649 1.40 3.04 -5.60
CA ASN B 649 0.26 3.85 -6.05
C ASN B 649 -1.09 3.27 -5.67
N ALA B 650 -1.21 1.94 -5.78
CA ALA B 650 -2.40 1.19 -5.39
C ALA B 650 -2.68 1.23 -3.90
N GLN B 651 -1.63 1.13 -3.07
CA GLN B 651 -1.78 1.30 -1.62
C GLN B 651 -2.28 2.70 -1.27
N PHE B 652 -1.70 3.72 -1.92
CA PHE B 652 -2.06 5.11 -1.70
C PHE B 652 -3.52 5.33 -2.10
N ALA B 653 -3.91 4.81 -3.26
CA ALA B 653 -5.23 5.04 -3.80
C ALA B 653 -6.27 4.34 -2.92
N GLY B 654 -5.94 3.12 -2.51
CA GLY B 654 -6.72 2.35 -1.56
C GLY B 654 -7.05 3.15 -0.31
N ARG B 655 -6.02 3.66 0.36
CA ARG B 655 -6.14 4.44 1.60
C ARG B 655 -6.93 5.73 1.47
N ALA B 656 -6.77 6.41 0.34
CA ALA B 656 -7.40 7.70 0.13
C ALA B 656 -8.88 7.57 -0.22
N SER B 657 -9.26 6.45 -0.85
CA SER B 657 -10.68 6.10 -1.02
C SER B 657 -11.37 5.85 0.34
N ILE B 658 -10.74 5.02 1.18
CA ILE B 658 -11.22 4.79 2.54
C ILE B 658 -11.35 6.09 3.35
N GLU B 659 -10.30 6.90 3.37
CA GLU B 659 -10.28 8.20 4.06
C GLU B 659 -11.42 9.11 3.60
N TYR B 660 -11.65 9.13 2.29
CA TYR B 660 -12.73 9.89 1.71
C TYR B 660 -14.13 9.43 2.14
N TYR B 661 -14.40 8.13 2.05
CA TYR B 661 -15.70 7.63 2.45
C TYR B 661 -15.93 7.69 3.95
N VAL B 662 -14.90 7.36 4.72
CA VAL B 662 -15.00 7.43 6.16
C VAL B 662 -15.24 8.88 6.62
N GLY B 663 -14.54 9.81 6.00
CA GLY B 663 -14.72 11.22 6.27
C GLY B 663 -16.13 11.72 6.05
N GLN B 664 -16.81 11.23 5.01
CA GLN B 664 -18.20 11.61 4.85
C GLN B 664 -19.21 10.85 5.72
N VAL B 665 -18.85 9.65 6.19
CA VAL B 665 -19.65 8.93 7.18
C VAL B 665 -19.66 9.71 8.50
N MSE B 666 -18.48 10.20 8.90
CA MSE B 666 -18.33 10.99 10.12
C MSE B 666 -18.91 12.40 10.03
O MSE B 666 -19.13 13.02 11.06
CB MSE B 666 -16.86 11.15 10.48
CG MSE B 666 -16.19 9.91 10.97
SE MSE B 666 -14.29 10.27 11.25
CE MSE B 666 -14.41 11.30 12.92
N ARG B 667 -19.08 12.89 8.81
CA ARG B 667 -19.66 14.21 8.57
C ARG B 667 -21.18 14.15 8.75
N ASN B 668 -21.77 12.99 8.51
CA ASN B 668 -23.21 12.80 8.74
C ASN B 668 -23.50 12.31 10.16
N ASN B 669 -22.48 12.30 11.02
CA ASN B 669 -22.58 11.80 12.39
C ASN B 669 -22.34 12.88 13.45
N GLU B 670 -23.36 13.15 14.26
CA GLU B 670 -23.30 14.26 15.24
C GLU B 670 -22.58 13.93 16.55
N SER B 671 -22.41 12.65 16.87
CA SER B 671 -21.97 12.22 18.21
C SER B 671 -20.47 12.27 18.54
N THR B 672 -20.16 11.91 19.78
CA THR B 672 -18.82 11.95 20.35
C THR B 672 -18.13 10.59 20.20
N GLU B 673 -16.81 10.59 19.99
CA GLU B 673 -16.07 9.34 19.83
C GLU B 673 -14.86 9.31 20.75
N THR B 674 -14.26 8.13 20.88
CA THR B 674 -12.95 7.95 21.53
C THR B 674 -11.85 8.29 20.53
N GLY B 675 -10.85 9.02 20.98
CA GLY B 675 -9.68 9.28 20.15
C GLY B 675 -8.38 9.00 20.87
N TYR B 676 -7.31 8.83 20.09
CA TYR B 676 -5.94 8.75 20.61
C TYR B 676 -5.05 9.76 19.93
N VAL B 677 -4.32 10.54 20.71
CA VAL B 677 -3.40 11.53 20.14
C VAL B 677 -2.14 10.82 19.61
N ILE B 678 -1.90 10.94 18.30
CA ILE B 678 -0.73 10.27 17.71
C ILE B 678 0.34 11.28 17.29
N LYS B 679 -0.03 12.56 17.37
CA LYS B 679 0.85 13.65 17.01
C LYS B 679 0.43 14.97 17.65
N VAL B 680 1.42 15.71 18.14
CA VAL B 680 1.21 17.04 18.72
C VAL B 680 2.08 18.10 18.05
N PHE B 681 1.46 19.21 17.67
CA PHE B 681 2.19 20.37 17.14
C PHE B 681 1.89 21.62 17.98
N ASN B 682 2.56 22.72 17.67
CA ASN B 682 2.29 24.01 18.29
C ASN B 682 0.92 24.59 17.93
N ASN B 683 0.41 24.23 16.74
CA ASN B 683 -0.88 24.73 16.26
C ASN B 683 -1.92 23.62 16.00
N GLY B 684 -1.77 22.49 16.65
CA GLY B 684 -2.78 21.44 16.53
C GLY B 684 -2.39 20.08 17.05
N ILE B 685 -3.33 19.15 16.97
CA ILE B 685 -3.11 17.78 17.38
C ILE B 685 -3.68 16.90 16.30
N VAL B 686 -3.00 15.79 16.02
CA VAL B 686 -3.54 14.76 15.16
C VAL B 686 -4.15 13.67 16.06
N VAL B 687 -5.39 13.32 15.80
CA VAL B 687 -6.09 12.33 16.62
C VAL B 687 -6.60 11.16 15.80
N LEU B 688 -6.20 9.95 16.20
CA LEU B 688 -6.74 8.72 15.62
C LEU B 688 -8.07 8.33 16.28
N VAL B 689 -9.08 8.11 15.44
CA VAL B 689 -10.40 7.68 15.90
C VAL B 689 -10.61 6.23 15.46
N PRO B 690 -10.32 5.26 16.36
CA PRO B 690 -10.31 3.82 16.06
C PRO B 690 -11.63 3.28 15.52
N LYS B 691 -12.75 3.88 15.95
CA LYS B 691 -14.08 3.41 15.54
C LYS B 691 -14.29 3.64 14.04
N PHE B 692 -13.61 4.65 13.52
CA PHE B 692 -13.66 4.99 12.12
C PHE B 692 -12.40 4.58 11.33
N GLY B 693 -11.29 4.35 12.04
CA GLY B 693 -10.06 3.85 11.44
C GLY B 693 -9.28 4.89 10.66
N VAL B 694 -9.36 6.14 11.12
CA VAL B 694 -8.88 7.30 10.38
C VAL B 694 -8.31 8.39 11.35
N GLU B 695 -7.39 9.22 10.86
CA GLU B 695 -6.83 10.34 11.62
C GLU B 695 -7.49 11.66 11.23
N GLY B 696 -7.60 12.56 12.20
CA GLY B 696 -8.06 13.92 11.97
C GLY B 696 -7.17 14.95 12.65
N LEU B 697 -6.84 16.02 11.94
CA LEU B 697 -6.15 17.16 12.54
C LEU B 697 -7.15 18.06 13.28
N ILE B 698 -6.88 18.32 14.56
CA ILE B 698 -7.65 19.34 15.29
C ILE B 698 -6.79 20.60 15.36
N ARG B 699 -7.19 21.62 14.62
CA ARG B 699 -6.43 22.85 14.49
C ARG B 699 -6.55 23.72 15.73
N LEU B 700 -5.55 24.56 15.97
CA LEU B 700 -5.51 25.34 17.20
C LEU B 700 -6.66 26.32 17.40
N ASP B 701 -7.09 26.96 16.30
CA ASP B 701 -8.24 27.89 16.35
C ASP B 701 -9.53 27.24 16.87
N ASN B 702 -9.56 25.91 16.88
CA ASN B 702 -10.67 25.16 17.46
C ASN B 702 -10.44 24.75 18.92
N LEU B 703 -9.18 24.68 19.34
CA LEU B 703 -8.84 24.31 20.71
C LEU B 703 -8.91 25.50 21.67
N THR B 704 -8.48 26.66 21.18
CA THR B 704 -8.31 27.81 22.04
C THR B 704 -8.70 29.12 21.38
N GLU B 705 -9.33 29.99 22.16
CA GLU B 705 -9.29 31.42 21.90
C GLU B 705 -8.14 31.86 22.81
N ASP B 706 -7.40 32.86 22.43
CA ASP B 706 -6.02 33.04 22.95
C ASP B 706 -5.04 31.94 22.48
N PRO B 707 -4.78 31.85 21.15
CA PRO B 707 -3.65 31.05 20.65
C PRO B 707 -2.26 31.61 21.01
N ASN B 708 -2.21 32.87 21.48
CA ASN B 708 -0.98 33.52 21.94
C ASN B 708 -0.32 32.79 23.11
N SER B 709 -1.13 32.10 23.92
CA SER B 709 -0.62 31.43 25.11
C SER B 709 -0.49 29.91 24.94
N ALA B 710 -0.98 29.38 23.82
CA ALA B 710 -0.79 27.96 23.52
C ALA B 710 0.71 27.71 23.55
N ALA B 711 1.13 26.63 24.19
CA ALA B 711 2.55 26.38 24.35
C ALA B 711 2.86 24.93 24.03
N PHE B 712 3.83 24.71 23.16
CA PHE B 712 4.18 23.36 22.77
C PHE B 712 5.49 23.00 23.45
N ASP B 713 5.49 21.87 24.14
CA ASP B 713 6.69 21.38 24.79
C ASP B 713 7.16 20.17 24.01
N GLU B 714 8.22 20.39 23.23
CA GLU B 714 8.74 19.44 22.27
C GLU B 714 9.36 18.19 22.87
N VAL B 715 9.92 18.31 24.08
CA VAL B 715 10.54 17.17 24.75
C VAL B 715 9.54 16.34 25.56
N GLU B 716 8.41 16.96 25.90
CA GLU B 716 7.31 16.23 26.56
C GLU B 716 6.20 15.83 25.60
N TYR B 717 6.22 16.35 24.38
CA TYR B 717 5.18 16.04 23.39
C TYR B 717 3.83 16.43 23.97
N LYS B 718 3.77 17.71 24.36
CA LYS B 718 2.68 18.25 25.15
C LYS B 718 2.30 19.59 24.57
N LEU B 719 1.03 19.75 24.22
CA LEU B 719 0.47 21.07 23.91
C LEU B 719 -0.36 21.57 25.11
N THR B 720 -0.05 22.78 25.56
CA THR B 720 -0.78 23.46 26.62
C THR B 720 -1.56 24.64 26.06
N PHE B 721 -2.84 24.71 26.38
CA PHE B 721 -3.65 25.82 25.94
C PHE B 721 -4.80 26.15 26.90
N VAL B 722 -5.21 27.42 26.90
CA VAL B 722 -6.42 27.84 27.59
C VAL B 722 -7.61 27.42 26.70
N PRO B 723 -8.44 26.45 27.14
CA PRO B 723 -9.55 26.12 26.24
C PRO B 723 -10.58 27.25 26.20
N THR B 724 -11.45 27.19 25.19
CA THR B 724 -12.34 28.29 24.79
C THR B 724 -13.27 28.82 25.91
N ASN B 725 -13.77 27.91 26.71
CA ASN B 725 -14.66 28.26 27.80
C ASN B 725 -13.96 29.01 28.95
N SER B 726 -12.65 28.80 29.07
CA SER B 726 -11.96 28.99 30.34
C SER B 726 -10.79 29.95 30.41
N ASP B 727 -10.13 29.85 31.54
CA ASP B 727 -9.11 30.76 32.01
C ASP B 727 -7.92 29.87 32.37
N LYS B 728 -8.23 28.59 32.62
CA LYS B 728 -7.28 27.60 33.12
C LYS B 728 -6.67 26.80 31.99
N PRO B 729 -5.32 26.67 31.98
CA PRO B 729 -4.63 25.95 30.92
C PRO B 729 -4.92 24.45 30.95
N ARG B 730 -4.74 23.80 29.81
CA ARG B 730 -4.98 22.38 29.69
C ARG B 730 -3.84 21.73 28.91
N ASP B 731 -3.30 20.65 29.47
CA ASP B 731 -2.23 19.84 28.84
C ASP B 731 -2.79 18.67 28.04
N VAL B 732 -2.37 18.55 26.78
CA VAL B 732 -2.73 17.42 25.92
C VAL B 732 -1.41 16.77 25.43
N TYR B 733 -1.25 15.49 25.72
CA TYR B 733 -0.01 14.78 25.41
C TYR B 733 -0.20 13.76 24.29
N VAL B 734 0.87 13.44 23.57
CA VAL B 734 0.86 12.32 22.63
C VAL B 734 0.46 11.07 23.38
N PHE B 735 -0.43 10.27 22.78
CA PHE B 735 -0.94 9.02 23.34
C PHE B 735 -2.22 9.17 24.15
N ASP B 736 -2.52 10.40 24.62
CA ASP B 736 -3.71 10.61 25.46
C ASP B 736 -4.94 10.02 24.77
N LYS B 737 -5.78 9.36 25.56
CA LYS B 737 -7.14 9.05 25.16
C LYS B 737 -8.02 10.28 25.40
N VAL B 738 -8.62 10.77 24.32
CA VAL B 738 -9.45 11.97 24.40
C VAL B 738 -10.86 11.71 23.83
N GLU B 739 -11.77 12.64 24.11
CA GLU B 739 -13.09 12.61 23.52
C GLU B 739 -13.16 13.62 22.40
N VAL B 740 -13.80 13.20 21.32
CA VAL B 740 -13.81 13.97 20.09
C VAL B 740 -15.23 14.03 19.48
N GLN B 741 -15.58 15.10 18.78
CA GLN B 741 -16.81 15.09 17.98
C GLN B 741 -16.78 16.00 16.75
N VAL B 742 -17.67 15.72 15.79
CA VAL B 742 -17.81 16.57 14.61
C VAL B 742 -19.05 17.46 14.72
N ARG B 743 -18.82 18.77 14.78
CA ARG B 743 -19.87 19.76 14.99
C ARG B 743 -20.15 20.59 13.73
N LYS B 752 -18.93 20.16 10.51
CA LYS B 752 -17.93 20.37 9.48
C LYS B 752 -16.50 20.14 10.00
N ARG B 753 -16.27 20.40 11.29
CA ARG B 753 -14.92 20.28 11.89
C ARG B 753 -14.85 19.34 13.10
N LYS B 754 -13.69 18.65 13.24
CA LYS B 754 -13.36 17.80 14.38
C LYS B 754 -12.94 18.66 15.57
N ALA B 755 -13.51 18.36 16.74
CA ALA B 755 -13.34 19.20 17.93
C ALA B 755 -13.08 18.32 19.13
N GLU B 756 -12.29 18.84 20.07
CA GLU B 756 -11.97 18.12 21.30
C GLU B 756 -13.03 18.37 22.39
N LEU B 757 -13.72 17.31 22.83
CA LEU B 757 -14.68 17.47 23.94
C LEU B 757 -13.96 17.43 25.29
MG MG C . -8.16 -16.62 -2.06
NA NA D . -13.72 -18.39 -1.52
OH2 1PE E . -8.06 -34.92 6.41
C12 1PE E . -7.59 -34.72 7.75
C22 1PE E . -8.37 -35.55 8.77
OH3 1PE E . -7.65 -36.71 9.21
C13 1PE E . -6.18 -37.14 11.09
C23 1PE E . -7.59 -36.80 10.64
OH4 1PE E . -5.82 -36.48 12.31
C14 1PE E . -3.49 -36.63 13.19
C24 1PE E . -4.49 -35.94 12.28
OH5 1PE E . -2.21 -36.73 12.53
C15 1PE E . -0.64 -38.58 12.30
C25 1PE E . -1.28 -37.56 13.23
OH6 1PE E . -0.37 -39.84 12.92
C16 1PE E . -0.52 -42.09 11.99
C26 1PE E . -1.28 -40.86 12.50
OH7 1PE E . -1.40 -42.90 11.18
#